data_7TSF
#
_entry.id   7TSF
#
_cell.length_a   52.072
_cell.length_b   110.957
_cell.length_c   164.982
_cell.angle_alpha   90.000
_cell.angle_beta   90.000
_cell.angle_gamma   90.000
#
_symmetry.space_group_name_H-M   'P 21 21 21'
#
loop_
_entity.id
_entity.type
_entity.pdbx_description
1 polymer 'Nitric oxide synthase, brain'
2 non-polymer 'PROTOPORPHYRIN IX CONTAINING FE'
3 non-polymer 5,6,7,8-TETRAHYDROBIOPTERIN
4 non-polymer 6-[3-(4,4-difluoropiperidin-1-yl)prop-1-yn-1-yl]-4-methylpyridin-2-amine
5 non-polymer 'ACETATE ION'
6 non-polymer 'ZINC ION'
7 water water
#
_entity_poly.entity_id   1
_entity_poly.type   'polypeptide(L)'
_entity_poly.pdbx_seq_one_letter_code
;CPRFLKVKNWETDVVLTDTLHLKSTLETGCTEHICMGSIMLPSQHTRKPEDVRTKDQLFPLAKEFLDQYYSSIKRFGSKA
HMDRLEEVNKEIESTSTYQLKDTELIYGAKHAWRNASRCVGRIQWSKLQVFDARDCTTAHGMFNYICNHVKYATNKGNLR
SAITIFPQRTDGKHDFRVWNSQLIRYAGYKQPDGSTLGDPANVQFTEICIQQGWKAPRGRFDVLPLLLQANGNDPELFQI
PPELVLEVPIRHPKFDWFKDLGLKWYGLPAVSNMLLEIGGLEFSACPFSGWYMGTEIGVRDYCDNSRYNILEEVAKKMDL
DMRKTSSLWKDQALVEINIAVLYSFQSDKVTIVDHHSATESFIKHMENEYRCRGGCPADWVWIVPPMSGSITPVFHQEML
NYRLTPSFEYQPDPWNTHVWKG
;
_entity_poly.pdbx_strand_id   A,B
#
loop_
_chem_comp.id
_chem_comp.type
_chem_comp.name
_chem_comp.formula
ACT non-polymer 'ACETATE ION' 'C2 H3 O2 -1'
H4B non-polymer 5,6,7,8-TETRAHYDROBIOPTERIN 'C9 H15 N5 O3'
HEM non-polymer 'PROTOPORPHYRIN IX CONTAINING FE' 'C34 H32 Fe N4 O4'
K8O non-polymer 6-[3-(4,4-difluoropiperidin-1-yl)prop-1-yn-1-yl]-4-methylpyridin-2-amine 'C14 H17 F2 N3'
ZN non-polymer 'ZINC ION' 'Zn 2'
#
# COMPACT_ATOMS: atom_id res chain seq x y z
N ARG A 3 11.54 -8.52 19.40
CA ARG A 3 12.60 -7.70 18.82
C ARG A 3 13.38 -8.51 17.77
N PHE A 4 12.91 -9.73 17.50
CA PHE A 4 13.35 -10.57 16.39
C PHE A 4 12.12 -10.82 15.53
N LEU A 5 11.78 -9.86 14.68
CA LEU A 5 10.43 -9.70 14.17
C LEU A 5 10.08 -10.71 13.07
N LYS A 6 8.79 -11.04 12.99
CA LYS A 6 8.25 -11.99 12.02
C LYS A 6 7.47 -11.25 10.94
N VAL A 7 7.59 -11.71 9.70
CA VAL A 7 6.74 -11.27 8.59
C VAL A 7 6.06 -12.49 8.02
N LYS A 8 4.77 -12.36 7.74
CA LYS A 8 3.96 -13.45 7.24
C LYS A 8 3.51 -13.14 5.82
N ASN A 9 3.50 -14.16 4.97
CA ASN A 9 2.81 -14.10 3.69
C ASN A 9 1.44 -14.73 3.88
N TRP A 10 0.39 -13.96 3.62
CA TRP A 10 -0.97 -14.41 3.95
C TRP A 10 -1.60 -15.29 2.87
N GLU A 11 -0.93 -15.41 1.71
CA GLU A 11 -1.34 -16.33 0.65
C GLU A 11 -0.70 -17.70 0.81
N THR A 12 0.50 -17.78 1.37
CA THR A 12 1.25 -19.03 1.50
C THR A 12 1.58 -19.41 2.93
N ASP A 13 1.25 -18.56 3.91
CA ASP A 13 1.53 -18.79 5.33
C ASP A 13 3.02 -18.88 5.65
N VAL A 14 3.89 -18.62 4.65
CA VAL A 14 5.32 -18.65 4.92
C VAL A 14 5.66 -17.52 5.89
N VAL A 15 6.38 -17.85 6.95
CA VAL A 15 6.79 -16.88 7.96
C VAL A 15 8.31 -16.77 7.94
N LEU A 16 8.81 -15.56 7.71
CA LEU A 16 10.23 -15.25 7.76
C LEU A 16 10.52 -14.45 9.02
N THR A 17 11.72 -14.63 9.55
CA THR A 17 12.17 -13.93 10.74
C THR A 17 13.21 -12.90 10.34
N ASP A 18 13.04 -11.67 10.81
CA ASP A 18 13.89 -10.55 10.42
C ASP A 18 14.76 -10.17 11.60
N THR A 19 16.08 -10.28 11.42
CA THR A 19 17.02 -9.72 12.38
C THR A 19 17.81 -8.57 11.81
N LEU A 20 17.76 -8.36 10.48
CA LEU A 20 18.62 -7.36 9.86
C LEU A 20 18.27 -5.97 10.36
N HIS A 21 16.99 -5.75 10.70
CA HIS A 21 16.54 -4.41 11.09
C HIS A 21 17.29 -3.89 12.31
N LEU A 22 17.74 -4.78 13.19
CA LEU A 22 18.50 -4.33 14.35
C LEU A 22 19.78 -3.59 13.97
N LYS A 23 20.31 -3.84 12.77
CA LYS A 23 21.42 -3.05 12.27
C LYS A 23 20.97 -1.76 11.58
N SER A 24 19.67 -1.49 11.52
CA SER A 24 19.23 -0.23 10.93
C SER A 24 19.74 0.94 11.75
N THR A 25 19.95 2.06 11.08
CA THR A 25 20.65 3.18 11.68
C THR A 25 19.81 4.46 11.67
N LEU A 26 19.36 4.91 10.51
CA LEU A 26 18.60 6.14 10.38
C LEU A 26 17.14 5.91 10.77
N GLU A 27 16.36 6.98 10.74
CA GLU A 27 14.99 7.00 11.23
C GLU A 27 13.98 6.93 10.08
N THR A 28 12.78 6.41 10.40
CA THR A 28 11.76 6.14 9.38
C THR A 28 10.73 7.24 9.22
N GLY A 29 10.64 8.17 10.17
CA GLY A 29 9.53 9.09 10.22
C GLY A 29 8.35 8.61 11.04
N CYS A 30 8.26 7.31 11.33
CA CYS A 30 7.19 6.78 12.17
C CYS A 30 7.54 6.91 13.64
N THR A 31 6.51 6.81 14.47
CA THR A 31 6.68 6.69 15.91
C THR A 31 5.72 5.62 16.41
N GLU A 32 5.80 5.32 17.71
CA GLU A 32 4.82 4.39 18.30
C GLU A 32 3.42 4.97 18.27
N HIS A 33 3.28 6.29 18.12
CA HIS A 33 1.97 6.91 18.11
C HIS A 33 1.43 7.18 16.71
N ILE A 34 2.26 7.17 15.67
CA ILE A 34 1.77 7.50 14.35
C ILE A 34 2.62 6.82 13.29
N CYS A 35 1.96 6.20 12.31
CA CYS A 35 2.63 5.59 11.18
C CYS A 35 2.59 6.54 9.99
N MET A 36 3.79 6.84 9.44
CA MET A 36 3.96 7.71 8.27
C MET A 36 4.34 6.90 7.04
N GLY A 37 3.98 5.61 7.01
CA GLY A 37 4.40 4.73 5.92
C GLY A 37 3.96 5.16 4.53
N SER A 38 3.00 6.08 4.41
CA SER A 38 2.54 6.52 3.11
C SER A 38 3.02 7.92 2.74
N ILE A 39 3.81 8.56 3.59
CA ILE A 39 4.37 9.87 3.27
C ILE A 39 5.52 9.67 2.28
N MET A 40 5.51 10.45 1.19
CA MET A 40 6.51 10.27 0.15
C MET A 40 7.90 10.67 0.63
N LEU A 41 8.01 11.81 1.31
CA LEU A 41 9.28 12.30 1.83
C LEU A 41 9.15 12.67 3.30
N PRO A 42 9.53 11.79 4.23
CA PRO A 42 9.75 12.26 5.60
C PRO A 42 10.92 13.24 5.62
N SER A 43 10.60 14.54 5.64
CA SER A 43 11.55 15.62 5.38
C SER A 43 12.83 15.52 6.21
N VAL A 52 27.92 19.44 5.73
CA VAL A 52 28.95 18.45 5.44
C VAL A 52 29.38 17.77 6.73
N ARG A 53 29.75 16.49 6.65
CA ARG A 53 30.10 15.75 7.85
C ARG A 53 31.29 16.40 8.56
N THR A 54 31.19 16.51 9.87
CA THR A 54 32.33 16.95 10.67
C THR A 54 33.23 15.75 10.93
N LYS A 55 34.49 16.03 11.27
CA LYS A 55 35.47 14.96 11.50
C LYS A 55 34.94 13.90 12.46
N ASP A 56 34.18 14.30 13.48
CA ASP A 56 33.67 13.35 14.46
C ASP A 56 32.53 12.52 13.92
N GLN A 57 31.69 13.10 13.06
CA GLN A 57 30.62 12.32 12.43
C GLN A 57 31.17 11.28 11.47
N LEU A 58 32.32 11.56 10.86
CA LEU A 58 32.74 10.80 9.68
C LEU A 58 33.37 9.46 10.05
N PHE A 59 34.19 9.39 11.09
CA PHE A 59 34.89 8.14 11.35
C PHE A 59 33.97 7.00 11.77
N PRO A 60 32.97 7.19 12.64
CA PRO A 60 32.08 6.06 12.94
C PRO A 60 31.38 5.56 11.69
N LEU A 61 30.95 6.48 10.83
CA LEU A 61 30.33 6.09 9.57
C LEU A 61 31.29 5.25 8.73
N ALA A 62 32.54 5.71 8.61
CA ALA A 62 33.54 4.96 7.85
C ALA A 62 33.80 3.60 8.49
N LYS A 63 33.93 3.58 9.82
CA LYS A 63 34.20 2.33 10.54
C LYS A 63 33.10 1.30 10.31
N GLU A 64 31.84 1.70 10.49
CA GLU A 64 30.75 0.76 10.28
C GLU A 64 30.76 0.21 8.86
N PHE A 65 31.02 1.08 7.88
CA PHE A 65 31.06 0.62 6.49
C PHE A 65 32.20 -0.36 6.27
N LEU A 66 33.41 -0.02 6.71
CA LEU A 66 34.54 -0.91 6.49
C LEU A 66 34.39 -2.21 7.26
N ASP A 67 33.75 -2.15 8.44
CA ASP A 67 33.48 -3.37 9.19
C ASP A 67 32.63 -4.33 8.38
N GLN A 68 31.59 -3.82 7.70
CA GLN A 68 30.74 -4.74 6.96
C GLN A 68 31.37 -5.16 5.63
N TYR A 69 32.17 -4.28 5.02
CA TYR A 69 32.92 -4.68 3.83
C TYR A 69 33.88 -5.82 4.14
N TYR A 70 34.68 -5.69 5.20
CA TYR A 70 35.64 -6.74 5.50
C TYR A 70 34.96 -8.00 6.01
N SER A 71 33.80 -7.84 6.65
CA SER A 71 33.02 -9.02 6.98
C SER A 71 32.55 -9.72 5.72
N SER A 72 32.18 -8.96 4.69
CA SER A 72 31.64 -9.57 3.47
C SER A 72 32.70 -10.31 2.68
N ILE A 73 33.98 -10.02 2.89
CA ILE A 73 35.05 -10.72 2.18
C ILE A 73 35.76 -11.69 3.12
N LYS A 74 35.04 -12.14 4.16
CA LYS A 74 35.54 -13.14 5.12
C LYS A 74 36.90 -12.76 5.70
N ARG A 75 37.11 -11.46 5.93
CA ARG A 75 38.36 -10.99 6.53
C ARG A 75 38.09 -10.02 7.66
N PHE A 76 36.98 -10.20 8.36
CA PHE A 76 36.70 -9.37 9.53
C PHE A 76 37.80 -9.56 10.58
N GLY A 77 38.21 -8.45 11.20
CA GLY A 77 39.20 -8.53 12.25
C GLY A 77 40.55 -9.03 11.78
N SER A 78 40.88 -8.83 10.51
CA SER A 78 42.13 -9.31 9.95
C SER A 78 43.16 -8.18 9.94
N LYS A 79 44.38 -8.54 9.51
CA LYS A 79 45.44 -7.58 9.35
C LYS A 79 45.04 -6.48 8.37
N ALA A 80 44.68 -6.88 7.14
CA ALA A 80 44.20 -5.93 6.15
C ALA A 80 43.04 -5.08 6.67
N HIS A 81 42.16 -5.67 7.47
CA HIS A 81 41.02 -4.92 8.01
C HIS A 81 41.50 -3.81 8.92
N MET A 82 42.22 -4.16 10.00
CA MET A 82 42.67 -3.15 10.96
C MET A 82 43.59 -2.13 10.30
N ASP A 83 44.44 -2.57 9.35
CA ASP A 83 45.28 -1.63 8.60
C ASP A 83 44.42 -0.58 7.91
N ARG A 84 43.39 -1.03 7.18
CA ARG A 84 42.57 -0.13 6.40
C ARG A 84 41.82 0.85 7.31
N LEU A 85 41.38 0.39 8.47
CA LEU A 85 40.71 1.28 9.41
C LEU A 85 41.69 2.34 9.93
N GLU A 86 42.88 1.90 10.35
CA GLU A 86 43.95 2.82 10.70
C GLU A 86 44.19 3.85 9.60
N GLU A 87 44.36 3.39 8.36
CA GLU A 87 44.71 4.27 7.25
C GLU A 87 43.61 5.30 6.99
N VAL A 88 42.34 4.87 7.00
CA VAL A 88 41.24 5.80 6.80
C VAL A 88 41.12 6.75 7.99
N ASN A 89 41.33 6.23 9.20
CA ASN A 89 41.34 7.09 10.39
C ASN A 89 42.40 8.18 10.28
N LYS A 90 43.60 7.83 9.83
CA LYS A 90 44.64 8.84 9.64
C LYS A 90 44.21 9.87 8.60
N GLU A 91 43.61 9.40 7.51
CA GLU A 91 43.22 10.28 6.41
C GLU A 91 42.14 11.27 6.83
N ILE A 92 41.21 10.83 7.69
CA ILE A 92 40.16 11.72 8.18
C ILE A 92 40.75 12.74 9.16
N GLU A 93 41.64 12.30 10.03
CA GLU A 93 42.35 13.25 10.89
C GLU A 93 43.09 14.29 10.07
N SER A 94 43.65 13.88 8.93
CA SER A 94 44.44 14.80 8.11
C SER A 94 43.55 15.65 7.21
N THR A 95 42.90 15.01 6.22
CA THR A 95 42.16 15.74 5.20
C THR A 95 40.73 16.06 5.59
N SER A 96 40.26 15.57 6.74
CA SER A 96 38.85 15.67 7.14
C SER A 96 37.93 14.99 6.12
N THR A 97 38.44 13.98 5.45
CA THR A 97 37.67 13.12 4.55
C THR A 97 38.56 11.94 4.19
N TYR A 98 38.08 11.09 3.29
CA TYR A 98 38.89 9.98 2.80
C TYR A 98 38.34 9.53 1.45
N GLN A 99 39.12 8.69 0.77
CA GLN A 99 38.75 8.15 -0.53
C GLN A 99 38.54 6.65 -0.45
N LEU A 100 37.51 6.15 -1.13
CA LEU A 100 37.24 4.73 -1.19
C LEU A 100 38.17 4.04 -2.18
N LYS A 101 38.62 2.83 -1.81
CA LYS A 101 39.23 1.96 -2.80
C LYS A 101 38.18 1.56 -3.82
N ASP A 102 38.62 1.31 -5.05
CA ASP A 102 37.71 0.83 -6.10
C ASP A 102 36.82 -0.30 -5.59
N THR A 103 37.42 -1.29 -4.91
CA THR A 103 36.64 -2.41 -4.40
C THR A 103 35.54 -1.94 -3.44
N GLU A 104 35.85 -0.99 -2.55
CA GLU A 104 34.88 -0.48 -1.58
C GLU A 104 33.78 0.32 -2.25
N LEU A 105 34.13 1.03 -3.33
CA LEU A 105 33.15 1.82 -4.07
C LEU A 105 32.16 0.92 -4.80
N ILE A 106 32.67 -0.13 -5.45
CA ILE A 106 31.80 -1.09 -6.11
C ILE A 106 30.87 -1.75 -5.08
N TYR A 107 31.45 -2.21 -3.96
CA TYR A 107 30.63 -2.82 -2.91
C TYR A 107 29.57 -1.86 -2.40
N GLY A 108 29.97 -0.61 -2.13
CA GLY A 108 29.03 0.36 -1.59
C GLY A 108 27.87 0.64 -2.53
N ALA A 109 28.15 0.78 -3.83
CA ALA A 109 27.08 1.03 -4.78
C ALA A 109 26.13 -0.15 -4.90
N LYS A 110 26.68 -1.37 -4.95
CA LYS A 110 25.82 -2.55 -5.07
C LYS A 110 24.95 -2.68 -3.84
N HIS A 111 25.49 -2.35 -2.67
CA HIS A 111 24.71 -2.44 -1.44
C HIS A 111 23.73 -1.29 -1.28
N ALA A 112 24.03 -0.12 -1.83
CA ALA A 112 23.04 0.95 -1.87
C ALA A 112 21.77 0.49 -2.62
N TRP A 113 21.96 -0.17 -3.77
CA TRP A 113 20.82 -0.75 -4.49
C TRP A 113 20.16 -1.84 -3.64
N ARG A 114 20.98 -2.72 -3.07
CA ARG A 114 20.43 -3.84 -2.27
C ARG A 114 19.57 -3.32 -1.13
N ASN A 115 19.92 -2.17 -0.56
CA ASN A 115 19.19 -1.60 0.55
C ASN A 115 18.01 -0.71 0.16
N ALA A 116 17.74 -0.52 -1.14
CA ALA A 116 16.72 0.46 -1.55
C ALA A 116 15.34 -0.15 -1.31
N SER A 117 14.77 0.19 -0.16
CA SER A 117 13.54 -0.54 0.21
C SER A 117 12.36 -0.28 -0.72
N ARG A 118 12.47 0.69 -1.64
CA ARG A 118 11.37 1.00 -2.54
C ARG A 118 11.50 0.33 -3.89
N CYS A 119 12.56 -0.45 -4.12
CA CYS A 119 12.85 -0.99 -5.45
C CYS A 119 12.45 -2.45 -5.51
N VAL A 120 11.55 -2.78 -6.44
CA VAL A 120 11.14 -4.17 -6.64
C VAL A 120 12.15 -4.98 -7.44
N GLY A 121 13.12 -4.33 -8.09
CA GLY A 121 14.00 -5.07 -8.98
C GLY A 121 15.31 -5.54 -8.36
N ARG A 122 15.36 -5.62 -7.04
CA ARG A 122 16.63 -5.84 -6.36
C ARG A 122 17.16 -7.26 -6.46
N ILE A 123 16.43 -8.20 -7.05
CA ILE A 123 17.00 -9.54 -7.22
C ILE A 123 18.27 -9.45 -8.05
N GLN A 124 18.39 -8.39 -8.85
CA GLN A 124 19.50 -8.12 -9.75
C GLN A 124 20.65 -7.37 -9.09
N TRP A 125 20.60 -7.16 -7.77
CA TRP A 125 21.42 -6.11 -7.16
C TRP A 125 22.92 -6.34 -7.33
N SER A 126 23.37 -7.61 -7.36
CA SER A 126 24.80 -7.87 -7.38
C SER A 126 25.38 -7.80 -8.79
N LYS A 127 24.53 -7.69 -9.81
CA LYS A 127 24.97 -7.58 -11.20
C LYS A 127 24.78 -6.12 -11.66
N LEU A 128 25.62 -5.26 -11.09
CA LEU A 128 25.60 -3.83 -11.38
C LEU A 128 26.97 -3.43 -11.92
N GLN A 129 26.98 -2.79 -13.07
CA GLN A 129 28.23 -2.30 -13.64
C GLN A 129 28.49 -0.91 -13.09
N VAL A 130 29.62 -0.74 -12.42
CA VAL A 130 29.93 0.50 -11.72
C VAL A 130 31.01 1.23 -12.52
N PHE A 131 30.73 2.48 -12.91
CA PHE A 131 31.66 3.35 -13.65
C PHE A 131 32.18 4.41 -12.70
N ASP A 132 33.48 4.30 -12.37
CA ASP A 132 34.19 5.24 -11.51
C ASP A 132 34.47 6.51 -12.30
N ALA A 133 33.68 7.56 -12.05
CA ALA A 133 33.91 8.85 -12.71
C ALA A 133 34.48 9.87 -11.74
N ARG A 134 35.16 9.41 -10.69
CA ARG A 134 35.65 10.34 -9.67
C ARG A 134 36.79 11.22 -10.16
N ASP A 135 37.37 10.92 -11.33
CA ASP A 135 38.42 11.76 -11.89
C ASP A 135 37.87 12.91 -12.74
N CYS A 136 36.56 13.02 -12.81
CA CYS A 136 35.92 14.03 -13.66
C CYS A 136 36.08 15.41 -13.05
N THR A 137 36.23 16.44 -13.91
CA THR A 137 36.39 17.81 -13.44
C THR A 137 35.50 18.84 -14.11
N THR A 138 34.86 18.54 -15.23
CA THR A 138 34.09 19.53 -15.96
C THR A 138 32.77 18.94 -16.42
N ALA A 139 31.83 19.82 -16.77
CA ALA A 139 30.54 19.35 -17.26
C ALA A 139 30.70 18.64 -18.60
N HIS A 140 31.60 19.13 -19.45
CA HIS A 140 31.90 18.38 -20.68
C HIS A 140 32.38 16.97 -20.35
N GLY A 141 33.23 16.82 -19.35
CA GLY A 141 33.63 15.49 -18.92
C GLY A 141 32.45 14.68 -18.40
N MET A 142 31.57 15.31 -17.61
CA MET A 142 30.38 14.60 -17.12
C MET A 142 29.53 14.11 -18.28
N PHE A 143 29.35 14.95 -19.31
CA PHE A 143 28.58 14.58 -20.47
C PHE A 143 29.16 13.36 -21.16
N ASN A 144 30.49 13.38 -21.38
CA ASN A 144 31.17 12.22 -21.94
C ASN A 144 30.91 10.97 -21.10
N TYR A 145 31.09 11.06 -19.78
CA TYR A 145 30.82 9.90 -18.93
C TYR A 145 29.38 9.44 -19.05
N ILE A 146 28.45 10.38 -19.22
CA ILE A 146 27.03 10.00 -19.23
C ILE A 146 26.69 9.35 -20.56
N CYS A 147 27.24 9.86 -21.67
CA CYS A 147 27.02 9.23 -22.97
C CYS A 147 27.51 7.79 -22.97
N ASN A 148 28.67 7.53 -22.37
CA ASN A 148 29.18 6.17 -22.33
C ASN A 148 28.28 5.28 -21.47
N HIS A 149 27.82 5.80 -20.34
CA HIS A 149 26.86 5.07 -19.52
C HIS A 149 25.63 4.69 -20.34
N VAL A 150 25.02 5.68 -21.00
CA VAL A 150 23.80 5.43 -21.75
C VAL A 150 24.02 4.36 -22.81
N LYS A 151 25.14 4.44 -23.54
CA LYS A 151 25.41 3.46 -24.58
C LYS A 151 25.64 2.07 -23.98
N TYR A 152 26.44 2.00 -22.91
CA TYR A 152 26.68 0.72 -22.25
C TYR A 152 25.38 0.11 -21.75
N ALA A 153 24.60 0.91 -21.05
CA ALA A 153 23.37 0.43 -20.41
C ALA A 153 22.32 0.02 -21.44
N THR A 154 22.26 0.74 -22.55
CA THR A 154 21.22 0.51 -23.55
C THR A 154 21.51 -0.76 -24.34
N ASN A 155 22.76 -0.93 -24.79
CA ASN A 155 23.23 -2.21 -25.33
C ASN A 155 22.33 -2.69 -26.45
N LYS A 156 21.92 -1.76 -27.30
CA LYS A 156 21.07 -2.02 -28.47
C LYS A 156 19.74 -2.66 -28.07
N GLY A 157 19.32 -2.46 -26.83
CA GLY A 157 18.04 -2.94 -26.33
C GLY A 157 18.14 -4.08 -25.34
N ASN A 158 19.29 -4.74 -25.23
CA ASN A 158 19.53 -5.76 -24.21
C ASN A 158 20.11 -5.06 -22.98
N LEU A 159 19.21 -4.46 -22.19
CA LEU A 159 19.60 -3.49 -21.17
C LEU A 159 20.45 -4.12 -20.07
N ARG A 160 21.41 -3.34 -19.57
CA ARG A 160 22.33 -3.75 -18.51
C ARG A 160 22.32 -2.68 -17.44
N SER A 161 22.24 -3.08 -16.17
CA SER A 161 22.19 -2.10 -15.09
CA SER A 161 22.19 -2.12 -15.07
C SER A 161 23.55 -1.46 -14.88
N ALA A 162 23.55 -0.16 -14.57
CA ALA A 162 24.80 0.56 -14.43
C ALA A 162 24.62 1.80 -13.58
N ILE A 163 25.69 2.22 -12.94
CA ILE A 163 25.75 3.49 -12.22
C ILE A 163 27.07 4.16 -12.56
N THR A 164 27.04 5.49 -12.67
CA THR A 164 28.25 6.28 -12.88
C THR A 164 28.38 7.22 -11.69
N ILE A 165 29.55 7.20 -11.05
CA ILE A 165 29.75 7.88 -9.77
C ILE A 165 30.75 9.02 -9.95
N PHE A 166 30.25 10.25 -9.85
CA PHE A 166 31.08 11.44 -9.96
C PHE A 166 31.70 11.78 -8.63
N PRO A 167 32.61 12.77 -8.56
CA PRO A 167 33.34 13.03 -7.32
C PRO A 167 32.42 13.36 -6.14
N GLN A 168 32.87 12.97 -4.95
CA GLN A 168 32.06 13.15 -3.75
C GLN A 168 32.06 14.60 -3.29
N ARG A 169 31.05 14.96 -2.52
CA ARG A 169 30.97 16.27 -1.91
C ARG A 169 32.20 16.53 -1.05
N THR A 170 32.68 17.78 -1.06
CA THR A 170 33.81 18.18 -0.24
C THR A 170 33.34 19.19 0.81
N ASP A 171 33.09 20.44 0.42
CA ASP A 171 32.62 21.48 1.31
C ASP A 171 31.15 21.81 1.10
N GLY A 172 30.52 21.30 0.05
CA GLY A 172 29.14 21.62 -0.27
C GLY A 172 28.97 22.77 -1.24
N LYS A 173 30.04 23.52 -1.50
CA LYS A 173 30.04 24.56 -2.53
C LYS A 173 30.51 24.05 -3.88
N HIS A 174 31.16 22.89 -3.92
CA HIS A 174 31.77 22.31 -5.12
C HIS A 174 31.03 21.04 -5.54
N ASP A 175 29.71 21.04 -5.42
CA ASP A 175 28.93 19.83 -5.68
C ASP A 175 28.86 19.52 -7.17
N PHE A 176 29.04 18.25 -7.50
CA PHE A 176 28.64 17.74 -8.80
C PHE A 176 27.16 17.36 -8.76
N ARG A 177 26.39 17.85 -9.72
CA ARG A 177 24.97 17.53 -9.79
C ARG A 177 24.54 17.35 -11.23
N VAL A 178 23.66 16.36 -11.46
CA VAL A 178 22.87 16.27 -12.67
C VAL A 178 21.51 16.90 -12.38
N TRP A 179 21.17 17.97 -13.11
CA TRP A 179 19.94 18.70 -12.82
C TRP A 179 18.70 17.98 -13.31
N ASN A 180 18.82 17.12 -14.31
CA ASN A 180 17.69 16.31 -14.73
C ASN A 180 17.33 15.32 -13.62
N SER A 181 16.04 14.96 -13.55
CA SER A 181 15.62 13.90 -12.65
C SER A 181 15.93 12.52 -13.20
N GLN A 182 15.88 12.37 -14.53
CA GLN A 182 16.34 11.19 -15.22
C GLN A 182 17.19 11.65 -16.41
N LEU A 183 18.18 10.83 -16.78
CA LEU A 183 19.00 11.18 -17.94
C LEU A 183 18.15 11.40 -19.17
N ILE A 184 17.06 10.63 -19.30
CA ILE A 184 16.20 10.67 -20.48
C ILE A 184 14.77 10.88 -19.98
N ARG A 185 14.17 12.01 -20.38
CA ARG A 185 12.82 12.40 -19.99
C ARG A 185 12.31 13.39 -21.03
N TYR A 186 10.98 13.47 -21.15
CA TYR A 186 10.35 14.31 -22.15
C TYR A 186 9.97 15.67 -21.59
N ALA A 187 10.12 16.70 -22.42
CA ALA A 187 9.85 18.08 -22.00
C ALA A 187 8.37 18.29 -21.71
N GLY A 188 8.09 19.32 -20.92
CA GLY A 188 6.74 19.77 -20.67
C GLY A 188 6.57 21.26 -20.86
N TYR A 189 5.55 21.66 -21.60
CA TYR A 189 5.32 23.06 -21.91
C TYR A 189 3.91 23.45 -21.51
N LYS A 190 3.76 24.64 -20.94
CA LYS A 190 2.44 25.20 -20.67
C LYS A 190 1.88 25.83 -21.94
N GLN A 191 0.61 25.60 -22.20
CA GLN A 191 -0.02 26.08 -23.43
C GLN A 191 -0.64 27.45 -23.21
N PRO A 192 -0.80 28.23 -24.29
CA PRO A 192 -1.40 29.56 -24.13
C PRO A 192 -2.78 29.53 -23.48
N ASP A 193 -3.59 28.54 -23.82
CA ASP A 193 -4.94 28.44 -23.27
C ASP A 193 -4.92 28.12 -21.79
N GLY A 194 -4.28 27.00 -21.44
CA GLY A 194 -4.25 26.59 -20.04
C GLY A 194 -3.74 25.18 -19.84
N SER A 195 -3.86 24.34 -20.86
CA SER A 195 -3.45 22.94 -20.75
C SER A 195 -1.93 22.83 -20.79
N THR A 196 -1.42 21.61 -20.87
CA THR A 196 0.01 21.33 -20.85
C THR A 196 0.36 20.38 -21.98
N LEU A 197 1.40 20.70 -22.73
CA LEU A 197 1.87 19.86 -23.82
C LEU A 197 3.14 19.10 -23.39
N GLY A 198 3.13 17.80 -23.61
CA GLY A 198 4.24 16.96 -23.18
C GLY A 198 4.04 16.50 -21.77
N ASP A 199 5.14 16.32 -21.04
CA ASP A 199 5.09 15.75 -19.71
C ASP A 199 4.91 16.84 -18.65
N PRO A 200 3.75 16.94 -18.01
CA PRO A 200 3.56 17.98 -16.99
C PRO A 200 4.56 17.89 -15.83
N ALA A 201 5.10 16.71 -15.54
CA ALA A 201 6.05 16.56 -14.44
C ALA A 201 7.32 17.34 -14.66
N ASN A 202 7.63 17.69 -15.91
CA ASN A 202 8.90 18.29 -16.27
C ASN A 202 8.74 19.73 -16.74
N VAL A 203 7.59 20.34 -16.45
CA VAL A 203 7.31 21.68 -16.95
C VAL A 203 8.32 22.68 -16.38
N GLN A 204 8.58 22.60 -15.06
CA GLN A 204 9.53 23.54 -14.47
C GLN A 204 10.94 23.32 -15.01
N PHE A 205 11.38 22.07 -15.10
CA PHE A 205 12.72 21.80 -15.62
C PHE A 205 12.83 22.21 -17.08
N THR A 206 11.79 21.93 -17.88
CA THR A 206 11.79 22.38 -19.27
C THR A 206 11.95 23.89 -19.36
N GLU A 207 11.42 24.63 -18.38
CA GLU A 207 11.61 26.07 -18.34
C GLU A 207 13.07 26.44 -18.11
N ILE A 208 13.69 25.84 -17.08
CA ILE A 208 15.06 26.16 -16.74
C ILE A 208 16.01 25.84 -17.89
N CYS A 209 15.69 24.82 -18.69
CA CYS A 209 16.47 24.56 -19.89
C CYS A 209 16.33 25.68 -20.90
N ILE A 210 15.10 26.17 -21.09
CA ILE A 210 14.91 27.31 -21.98
C ILE A 210 15.58 28.55 -21.39
N GLN A 211 15.33 28.83 -20.11
CA GLN A 211 15.95 29.96 -19.44
C GLN A 211 17.46 29.90 -19.45
N GLN A 212 18.03 28.73 -19.75
CA GLN A 212 19.47 28.58 -19.85
C GLN A 212 19.96 28.55 -21.30
N GLY A 213 19.04 28.44 -22.27
CA GLY A 213 19.43 28.56 -23.66
C GLY A 213 18.89 27.52 -24.61
N TRP A 214 18.15 26.53 -24.10
CA TRP A 214 17.66 25.44 -24.95
C TRP A 214 16.67 25.94 -25.99
N LYS A 215 16.71 25.29 -27.16
CA LYS A 215 15.75 25.52 -28.24
C LYS A 215 14.77 24.36 -28.28
N ALA A 216 13.56 24.59 -27.86
CA ALA A 216 12.62 23.49 -27.67
C ALA A 216 11.84 23.22 -28.96
N PRO A 217 11.78 21.97 -29.42
CA PRO A 217 10.89 21.65 -30.55
C PRO A 217 9.41 21.82 -30.22
N ARG A 218 9.06 22.00 -28.93
CA ARG A 218 7.68 22.08 -28.45
C ARG A 218 6.80 21.00 -29.06
N GLY A 219 7.28 19.76 -28.97
CA GLY A 219 6.48 18.60 -29.28
C GLY A 219 5.95 17.93 -28.02
N ARG A 220 5.33 16.76 -28.21
CA ARG A 220 4.79 16.02 -27.08
C ARG A 220 5.83 15.13 -26.43
N PHE A 221 6.83 14.68 -27.20
CA PHE A 221 7.85 13.75 -26.73
C PHE A 221 9.24 14.25 -27.14
N ASP A 222 9.61 15.44 -26.68
CA ASP A 222 10.94 15.97 -26.96
C ASP A 222 11.89 15.53 -25.85
N VAL A 223 12.92 14.78 -26.21
CA VAL A 223 13.92 14.39 -25.22
C VAL A 223 14.63 15.64 -24.72
N LEU A 224 14.63 15.81 -23.39
CA LEU A 224 15.25 16.99 -22.79
C LEU A 224 16.76 16.93 -22.90
N PRO A 225 17.42 18.08 -22.91
CA PRO A 225 18.88 18.12 -22.85
C PRO A 225 19.36 17.86 -21.43
N LEU A 226 20.64 17.48 -21.33
CA LEU A 226 21.26 17.32 -20.01
C LEU A 226 21.70 18.68 -19.48
N LEU A 227 21.56 18.87 -18.17
CA LEU A 227 21.98 20.09 -17.48
C LEU A 227 22.97 19.66 -16.40
N LEU A 228 24.26 19.81 -16.68
CA LEU A 228 25.30 19.18 -15.90
C LEU A 228 26.08 20.23 -15.13
N GLN A 229 26.30 19.96 -13.84
CA GLN A 229 26.97 20.89 -12.94
C GLN A 229 28.20 20.22 -12.35
N ALA A 230 29.38 20.77 -12.67
CA ALA A 230 30.64 20.25 -12.17
C ALA A 230 31.25 21.22 -11.17
N ASN A 231 31.73 20.68 -10.05
CA ASN A 231 32.53 21.42 -9.08
C ASN A 231 31.80 22.67 -8.58
N GLY A 232 30.47 22.63 -8.58
CA GLY A 232 29.68 23.74 -8.12
C GLY A 232 29.51 24.88 -9.11
N ASN A 233 30.06 24.77 -10.31
CA ASN A 233 29.90 25.85 -11.28
C ASN A 233 28.48 25.86 -11.83
N ASP A 234 28.19 26.86 -12.66
CA ASP A 234 26.89 26.91 -13.30
C ASP A 234 26.72 25.71 -14.23
N PRO A 235 25.51 25.19 -14.36
CA PRO A 235 25.29 24.00 -15.18
C PRO A 235 25.24 24.34 -16.66
N GLU A 236 25.58 23.35 -17.48
CA GLU A 236 25.72 23.52 -18.91
C GLU A 236 24.80 22.56 -19.64
N LEU A 237 24.22 23.02 -20.74
CA LEU A 237 23.33 22.18 -21.54
C LEU A 237 24.12 21.32 -22.51
N PHE A 238 23.68 20.06 -22.67
CA PHE A 238 24.20 19.17 -23.70
C PHE A 238 23.06 18.32 -24.24
N GLN A 239 23.07 18.06 -25.54
CA GLN A 239 22.11 17.18 -26.17
C GLN A 239 22.69 15.78 -26.30
N ILE A 240 22.02 14.80 -25.70
CA ILE A 240 22.41 13.39 -25.88
C ILE A 240 22.26 13.02 -27.35
N PRO A 241 23.27 12.41 -27.96
CA PRO A 241 23.14 11.98 -29.35
C PRO A 241 21.90 11.11 -29.54
N PRO A 242 21.01 11.50 -30.46
CA PRO A 242 19.75 10.76 -30.62
C PRO A 242 19.94 9.30 -30.89
N GLU A 243 21.06 8.93 -31.55
CA GLU A 243 21.35 7.54 -31.83
C GLU A 243 21.64 6.73 -30.57
N LEU A 244 21.87 7.41 -29.44
CA LEU A 244 22.03 6.77 -28.15
C LEU A 244 20.73 6.68 -27.35
N VAL A 245 19.69 7.41 -27.74
CA VAL A 245 18.41 7.42 -27.03
C VAL A 245 17.49 6.43 -27.73
N LEU A 246 17.37 5.23 -27.17
CA LEU A 246 16.52 4.20 -27.74
C LEU A 246 15.07 4.45 -27.33
N GLU A 247 14.18 4.58 -28.31
CA GLU A 247 12.77 4.80 -28.07
C GLU A 247 11.94 3.69 -28.72
N VAL A 248 10.74 3.49 -28.17
CA VAL A 248 9.85 2.40 -28.54
C VAL A 248 8.51 3.01 -28.93
N PRO A 249 8.09 2.90 -30.19
CA PRO A 249 6.75 3.36 -30.55
C PRO A 249 5.72 2.38 -30.03
N ILE A 250 4.63 2.90 -29.46
CA ILE A 250 3.65 2.08 -28.77
C ILE A 250 2.50 1.74 -29.71
N ARG A 251 2.33 0.45 -29.96
CA ARG A 251 1.20 -0.07 -30.71
C ARG A 251 0.56 -1.21 -29.93
N HIS A 252 -0.64 -1.58 -30.33
CA HIS A 252 -1.40 -2.61 -29.63
C HIS A 252 -1.49 -3.86 -30.49
N PRO A 253 -1.38 -5.06 -29.90
CA PRO A 253 -1.44 -6.29 -30.70
C PRO A 253 -2.83 -6.63 -31.22
N LYS A 254 -3.88 -5.85 -30.88
CA LYS A 254 -5.23 -6.05 -31.39
C LYS A 254 -5.81 -4.81 -32.05
N PHE A 255 -5.51 -3.63 -31.52
CA PHE A 255 -6.17 -2.39 -31.96
C PHE A 255 -5.22 -1.64 -32.89
N ASP A 256 -5.51 -1.70 -34.19
CA ASP A 256 -4.70 -1.01 -35.19
C ASP A 256 -4.74 0.49 -35.03
N TRP A 257 -5.82 1.03 -34.44
CA TRP A 257 -5.91 2.47 -34.20
C TRP A 257 -5.00 2.93 -33.07
N PHE A 258 -4.42 2.01 -32.30
CA PHE A 258 -3.53 2.39 -31.21
C PHE A 258 -2.33 3.19 -31.72
N LYS A 259 -1.81 2.81 -32.89
CA LYS A 259 -0.74 3.55 -33.55
C LYS A 259 -1.01 5.04 -33.60
N ASP A 260 -2.24 5.41 -34.00
CA ASP A 260 -2.56 6.80 -34.30
C ASP A 260 -2.59 7.68 -33.06
N LEU A 261 -2.68 7.09 -31.87
CA LEU A 261 -2.53 7.88 -30.65
C LEU A 261 -1.18 8.59 -30.62
N GLY A 262 -0.18 8.06 -31.32
CA GLY A 262 1.09 8.73 -31.44
C GLY A 262 1.98 8.62 -30.21
N LEU A 263 1.84 7.54 -29.45
CA LEU A 263 2.59 7.37 -28.21
C LEU A 263 3.92 6.68 -28.48
N LYS A 264 4.94 7.12 -27.74
CA LYS A 264 6.23 6.45 -27.64
C LYS A 264 6.77 6.62 -26.23
N TRP A 265 7.73 5.77 -25.85
CA TRP A 265 8.48 5.99 -24.62
C TRP A 265 9.93 5.57 -24.86
N TYR A 266 10.80 5.99 -23.95
CA TYR A 266 12.21 5.64 -24.01
C TYR A 266 12.47 4.33 -23.28
N GLY A 267 13.55 3.66 -23.72
CA GLY A 267 13.89 2.35 -23.21
C GLY A 267 14.60 2.35 -21.86
N LEU A 268 15.30 3.44 -21.52
CA LEU A 268 16.27 3.41 -20.44
C LEU A 268 15.80 4.24 -19.26
N PRO A 269 15.36 3.64 -18.14
CA PRO A 269 15.09 4.43 -16.94
C PRO A 269 16.40 4.68 -16.19
N ALA A 270 16.77 5.94 -16.03
CA ALA A 270 18.08 6.28 -15.49
C ALA A 270 17.93 7.44 -14.51
N VAL A 271 17.84 7.12 -13.22
CA VAL A 271 17.57 8.10 -12.17
C VAL A 271 18.83 8.90 -11.89
N SER A 272 18.74 10.22 -11.99
CA SER A 272 19.95 11.02 -11.88
C SER A 272 19.93 12.07 -10.78
N ASN A 273 18.86 12.18 -9.98
CA ASN A 273 18.76 13.27 -9.02
C ASN A 273 18.95 12.83 -7.57
N MET A 274 19.39 11.59 -7.33
CA MET A 274 19.53 11.10 -5.97
C MET A 274 20.97 11.21 -5.47
N LEU A 275 21.15 10.99 -4.17
CA LEU A 275 22.43 11.07 -3.49
C LEU A 275 22.80 9.71 -2.93
N LEU A 276 24.02 9.27 -3.25
CA LEU A 276 24.55 7.98 -2.85
C LEU A 276 25.46 8.19 -1.64
N GLU A 277 25.13 7.57 -0.52
CA GLU A 277 25.94 7.63 0.70
C GLU A 277 26.64 6.29 0.88
N ILE A 278 27.98 6.34 0.94
CA ILE A 278 28.83 5.19 1.25
C ILE A 278 29.82 5.60 2.33
N GLY A 279 29.78 4.93 3.48
CA GLY A 279 30.76 5.17 4.53
C GLY A 279 30.84 6.61 4.97
N GLY A 280 29.69 7.30 5.01
CA GLY A 280 29.61 8.69 5.36
C GLY A 280 29.91 9.66 4.23
N LEU A 281 30.52 9.20 3.15
CA LEU A 281 30.80 10.05 2.00
C LEU A 281 29.57 10.20 1.12
N GLU A 282 29.41 11.40 0.55
CA GLU A 282 28.19 11.77 -0.15
C GLU A 282 28.52 12.01 -1.62
N PHE A 283 27.89 11.24 -2.49
CA PHE A 283 28.04 11.37 -3.94
C PHE A 283 26.73 11.93 -4.48
N SER A 284 26.72 13.25 -4.73
CA SER A 284 25.54 13.98 -5.15
C SER A 284 25.22 13.80 -6.63
N ALA A 285 26.13 13.21 -7.40
CA ALA A 285 25.90 12.96 -8.82
C ALA A 285 26.24 11.50 -9.04
N CYS A 286 25.23 10.69 -9.20
CA CYS A 286 25.42 9.26 -9.30
C CYS A 286 24.31 8.62 -10.13
N PRO A 287 24.13 9.04 -11.39
CA PRO A 287 23.03 8.50 -12.20
C PRO A 287 23.11 6.97 -12.31
N PHE A 288 21.97 6.31 -12.13
CA PHE A 288 21.95 4.85 -12.23
C PHE A 288 20.75 4.40 -13.06
N SER A 289 20.87 3.20 -13.64
CA SER A 289 19.87 2.81 -14.62
C SER A 289 19.68 1.31 -14.58
N GLY A 290 18.46 0.87 -14.92
CA GLY A 290 18.12 -0.54 -15.04
C GLY A 290 17.30 -0.78 -16.29
N TRP A 291 16.12 -1.37 -16.11
CA TRP A 291 15.14 -1.47 -17.18
C TRP A 291 13.76 -1.35 -16.53
N TYR A 292 12.78 -1.02 -17.37
CA TYR A 292 11.45 -0.65 -16.90
C TYR A 292 10.61 -1.87 -16.49
N MET A 293 9.79 -1.66 -15.46
CA MET A 293 8.60 -2.49 -15.27
C MET A 293 7.46 -1.81 -16.03
N GLY A 294 6.66 -2.61 -16.74
CA GLY A 294 5.71 -2.05 -17.70
C GLY A 294 4.75 -1.05 -17.09
N THR A 295 4.37 -1.25 -15.83
CA THR A 295 3.40 -0.37 -15.21
C THR A 295 3.96 1.03 -14.96
N GLU A 296 5.28 1.20 -14.84
CA GLU A 296 5.82 2.54 -14.68
C GLU A 296 5.36 3.44 -15.83
N ILE A 297 5.37 2.89 -17.03
CA ILE A 297 5.00 3.65 -18.22
C ILE A 297 3.48 3.62 -18.42
N GLY A 298 2.89 2.43 -18.51
CA GLY A 298 1.50 2.33 -18.92
C GLY A 298 0.52 2.84 -17.87
N VAL A 299 0.85 2.67 -16.60
CA VAL A 299 -0.05 3.09 -15.52
C VAL A 299 0.28 4.51 -15.06
N ARG A 300 1.52 4.74 -14.65
CA ARG A 300 1.85 6.02 -14.03
C ARG A 300 2.11 7.11 -15.08
N ASP A 301 3.10 6.91 -15.96
CA ASP A 301 3.46 7.93 -16.94
C ASP A 301 2.28 8.25 -17.86
N TYR A 302 1.57 7.23 -18.31
CA TYR A 302 0.50 7.44 -19.29
C TYR A 302 -0.83 7.79 -18.65
N CYS A 303 -1.13 7.32 -17.45
CA CYS A 303 -2.50 7.41 -16.95
C CYS A 303 -2.70 8.20 -15.66
N ASP A 304 -1.65 8.62 -14.96
CA ASP A 304 -1.81 9.62 -13.90
C ASP A 304 -2.52 10.84 -14.47
N ASN A 305 -3.49 11.37 -13.71
CA ASN A 305 -4.15 12.59 -14.15
C ASN A 305 -3.18 13.75 -14.26
N SER A 306 -2.08 13.71 -13.51
CA SER A 306 -1.08 14.77 -13.51
C SER A 306 0.09 14.50 -14.45
N ARG A 307 0.00 13.44 -15.27
CA ARG A 307 1.00 13.18 -16.30
C ARG A 307 0.35 13.24 -17.68
N TYR A 308 0.63 12.24 -18.55
CA TYR A 308 0.09 12.31 -19.91
C TYR A 308 -1.41 12.07 -19.97
N ASN A 309 -2.00 11.41 -18.96
CA ASN A 309 -3.43 11.47 -18.70
C ASN A 309 -4.26 11.07 -19.93
N ILE A 310 -3.98 9.87 -20.45
CA ILE A 310 -4.52 9.47 -21.74
C ILE A 310 -5.76 8.59 -21.62
N LEU A 311 -6.18 8.24 -20.40
CA LEU A 311 -7.29 7.30 -20.25
C LEU A 311 -8.52 7.76 -21.03
N GLU A 312 -8.92 9.03 -20.87
CA GLU A 312 -10.01 9.60 -21.66
C GLU A 312 -9.90 9.26 -23.14
N GLU A 313 -8.72 9.50 -23.72
CA GLU A 313 -8.53 9.30 -25.16
C GLU A 313 -8.73 7.84 -25.55
N VAL A 314 -8.06 6.93 -24.84
CA VAL A 314 -8.07 5.52 -25.20
C VAL A 314 -9.49 4.94 -25.07
N ALA A 315 -10.21 5.33 -24.00
CA ALA A 315 -11.55 4.78 -23.80
C ALA A 315 -12.49 5.20 -24.92
N LYS A 316 -12.43 6.46 -25.34
CA LYS A 316 -13.22 6.93 -26.48
C LYS A 316 -12.96 6.09 -27.72
N LYS A 317 -11.70 5.81 -28.01
CA LYS A 317 -11.35 5.01 -29.17
C LYS A 317 -11.80 3.56 -29.03
N MET A 318 -11.89 3.05 -27.79
CA MET A 318 -12.43 1.72 -27.55
C MET A 318 -13.95 1.69 -27.56
N ASP A 319 -14.63 2.84 -27.65
CA ASP A 319 -16.09 2.96 -27.60
C ASP A 319 -16.66 2.31 -26.32
N LEU A 320 -16.16 2.79 -25.19
CA LEU A 320 -16.60 2.31 -23.89
C LEU A 320 -17.64 3.27 -23.30
N ASP A 321 -18.49 2.72 -22.43
CA ASP A 321 -19.51 3.50 -21.74
C ASP A 321 -18.86 4.36 -20.67
N MET A 322 -18.51 5.60 -21.02
CA MET A 322 -17.83 6.50 -20.11
C MET A 322 -18.79 7.37 -19.30
N ARG A 323 -20.06 7.01 -19.25
CA ARG A 323 -21.00 7.77 -18.44
C ARG A 323 -20.98 7.36 -16.97
N LYS A 324 -20.77 6.08 -16.69
CA LYS A 324 -20.84 5.55 -15.33
C LYS A 324 -19.46 5.02 -14.93
N THR A 325 -18.99 5.41 -13.74
CA THR A 325 -17.73 4.84 -13.29
C THR A 325 -17.85 3.34 -13.06
N SER A 326 -19.06 2.86 -12.71
CA SER A 326 -19.27 1.44 -12.43
C SER A 326 -19.21 0.57 -13.68
N SER A 327 -19.06 1.13 -14.88
CA SER A 327 -18.76 0.31 -16.05
C SER A 327 -17.31 -0.14 -16.07
N LEU A 328 -16.48 0.41 -15.18
CA LEU A 328 -15.04 0.15 -15.11
C LEU A 328 -14.34 0.40 -16.44
N TRP A 329 -14.77 1.45 -17.16
CA TRP A 329 -14.13 1.78 -18.42
C TRP A 329 -12.68 2.21 -18.23
N LYS A 330 -12.38 2.94 -17.14
CA LYS A 330 -10.99 3.29 -16.87
C LYS A 330 -10.14 2.05 -16.68
N ASP A 331 -10.67 1.08 -15.92
CA ASP A 331 -9.93 -0.15 -15.63
C ASP A 331 -9.66 -0.93 -16.90
N GLN A 332 -10.65 -0.97 -17.80
CA GLN A 332 -10.52 -1.72 -19.04
C GLN A 332 -9.46 -1.11 -19.95
N ALA A 333 -9.58 0.19 -20.21
CA ALA A 333 -8.55 0.90 -20.97
C ALA A 333 -7.18 0.74 -20.34
N LEU A 334 -7.13 0.78 -19.00
CA LEU A 334 -5.84 0.70 -18.33
C LEU A 334 -5.12 -0.60 -18.66
N VAL A 335 -5.85 -1.72 -18.65
CA VAL A 335 -5.24 -3.00 -19.00
C VAL A 335 -4.71 -2.98 -20.43
N GLU A 336 -5.53 -2.48 -21.36
CA GLU A 336 -5.16 -2.50 -22.77
C GLU A 336 -3.92 -1.65 -23.03
N ILE A 337 -3.85 -0.46 -22.39
CA ILE A 337 -2.66 0.38 -22.52
C ILE A 337 -1.42 -0.38 -22.07
N ASN A 338 -1.51 -1.09 -20.95
CA ASN A 338 -0.35 -1.79 -20.43
C ASN A 338 -0.02 -3.06 -21.21
N ILE A 339 -1.02 -3.68 -21.87
CA ILE A 339 -0.71 -4.74 -22.81
C ILE A 339 0.14 -4.19 -23.96
N ALA A 340 -0.25 -3.02 -24.49
CA ALA A 340 0.45 -2.43 -25.62
C ALA A 340 1.89 -2.06 -25.28
N VAL A 341 2.13 -1.48 -24.09
CA VAL A 341 3.49 -1.10 -23.70
C VAL A 341 4.40 -2.32 -23.71
N LEU A 342 3.98 -3.38 -23.01
CA LEU A 342 4.77 -4.61 -23.01
C LEU A 342 4.93 -5.17 -24.41
N TYR A 343 3.84 -5.21 -25.18
CA TYR A 343 3.91 -5.71 -26.55
C TYR A 343 4.91 -4.92 -27.37
N SER A 344 4.91 -3.60 -27.22
CA SER A 344 5.78 -2.75 -28.02
C SER A 344 7.26 -2.99 -27.70
N PHE A 345 7.63 -2.95 -26.41
CA PHE A 345 9.02 -3.20 -26.04
C PHE A 345 9.46 -4.60 -26.47
N GLN A 346 8.59 -5.59 -26.26
CA GLN A 346 8.95 -6.96 -26.60
C GLN A 346 9.15 -7.12 -28.10
N SER A 347 8.29 -6.47 -28.91
CA SER A 347 8.42 -6.57 -30.36
C SER A 347 9.74 -5.97 -30.83
N ASP A 348 10.14 -4.83 -30.27
CA ASP A 348 11.38 -4.17 -30.65
C ASP A 348 12.58 -4.72 -29.89
N LYS A 349 12.40 -5.80 -29.11
CA LYS A 349 13.49 -6.46 -28.39
C LYS A 349 14.19 -5.53 -27.41
N VAL A 350 13.42 -4.68 -26.74
CA VAL A 350 13.94 -3.84 -25.67
C VAL A 350 13.52 -4.47 -24.34
N THR A 351 14.47 -4.65 -23.44
CA THR A 351 14.17 -5.30 -22.16
C THR A 351 13.07 -4.57 -21.41
N ILE A 352 12.08 -5.34 -20.93
CA ILE A 352 11.04 -4.82 -20.06
C ILE A 352 10.57 -6.00 -19.23
N VAL A 353 9.97 -5.72 -18.06
CA VAL A 353 9.44 -6.79 -17.23
C VAL A 353 8.00 -6.42 -16.84
N ASP A 354 7.09 -7.39 -16.93
CA ASP A 354 5.74 -7.08 -16.47
C ASP A 354 5.66 -7.20 -14.94
N HIS A 355 4.59 -6.61 -14.38
CA HIS A 355 4.49 -6.56 -12.93
C HIS A 355 4.29 -7.93 -12.30
N HIS A 356 3.79 -8.92 -13.04
CA HIS A 356 3.65 -10.24 -12.45
C HIS A 356 5.03 -10.90 -12.31
N SER A 357 5.85 -10.81 -13.35
CA SER A 357 7.18 -11.42 -13.30
C SER A 357 8.06 -10.73 -12.27
N ALA A 358 8.05 -9.39 -12.24
CA ALA A 358 8.90 -8.63 -11.32
C ALA A 358 8.52 -8.90 -9.87
N THR A 359 7.23 -8.92 -9.55
CA THR A 359 6.88 -9.14 -8.15
C THR A 359 7.13 -10.58 -7.75
N GLU A 360 6.90 -11.53 -8.67
CA GLU A 360 7.29 -12.90 -8.39
C GLU A 360 8.78 -13.01 -8.10
N SER A 361 9.61 -12.26 -8.86
CA SER A 361 11.05 -12.30 -8.62
CA SER A 361 11.06 -12.29 -8.62
C SER A 361 11.42 -11.65 -7.29
N PHE A 362 10.71 -10.59 -6.90
CA PHE A 362 10.99 -9.96 -5.63
C PHE A 362 10.66 -10.87 -4.46
N ILE A 363 9.63 -11.72 -4.57
CA ILE A 363 9.36 -12.67 -3.50
C ILE A 363 10.51 -13.66 -3.35
N LYS A 364 11.01 -14.18 -4.47
CA LYS A 364 12.18 -15.04 -4.44
C LYS A 364 13.39 -14.31 -3.86
N HIS A 365 13.54 -13.03 -4.17
CA HIS A 365 14.64 -12.26 -3.62
C HIS A 365 14.48 -12.07 -2.12
N MET A 366 13.28 -11.71 -1.65
CA MET A 366 13.06 -11.62 -0.21
C MET A 366 13.49 -12.92 0.48
N GLU A 367 13.05 -14.05 -0.07
CA GLU A 367 13.40 -15.34 0.51
C GLU A 367 14.91 -15.54 0.56
N ASN A 368 15.61 -15.15 -0.50
CA ASN A 368 17.07 -15.23 -0.50
C ASN A 368 17.66 -14.34 0.58
N GLU A 369 17.19 -13.10 0.67
CA GLU A 369 17.74 -12.15 1.63
C GLU A 369 17.44 -12.56 3.06
N TYR A 370 16.26 -13.10 3.32
CA TYR A 370 15.98 -13.58 4.66
C TYR A 370 16.86 -14.77 5.00
N ARG A 371 17.09 -15.65 4.02
CA ARG A 371 17.85 -16.87 4.27
C ARG A 371 19.34 -16.57 4.44
N CYS A 372 19.89 -15.68 3.61
CA CYS A 372 21.33 -15.43 3.58
CA CYS A 372 21.33 -15.45 3.62
C CYS A 372 21.74 -14.14 4.27
N ARG A 373 20.82 -13.23 4.53
CA ARG A 373 21.16 -11.96 5.17
C ARG A 373 20.37 -11.67 6.43
N GLY A 374 19.28 -12.39 6.70
CA GLY A 374 18.46 -12.14 7.87
C GLY A 374 17.36 -11.12 7.68
N GLY A 375 17.15 -10.63 6.48
CA GLY A 375 16.07 -9.70 6.24
C GLY A 375 16.23 -8.99 4.92
N CYS A 376 15.22 -8.17 4.61
CA CYS A 376 15.15 -7.37 3.39
C CYS A 376 14.24 -6.18 3.61
N PRO A 377 14.78 -4.99 3.82
CA PRO A 377 13.94 -3.80 4.00
C PRO A 377 13.08 -3.60 2.75
N ALA A 378 11.78 -3.40 2.94
CA ALA A 378 10.89 -3.28 1.80
C ALA A 378 9.73 -2.36 2.15
N ASP A 379 9.41 -1.44 1.23
CA ASP A 379 8.32 -0.47 1.40
C ASP A 379 7.12 -0.96 0.61
N TRP A 380 6.14 -1.55 1.32
CA TRP A 380 4.98 -2.15 0.66
C TRP A 380 4.25 -1.13 -0.23
N VAL A 381 4.08 0.09 0.26
CA VAL A 381 3.39 1.15 -0.48
C VAL A 381 4.02 1.34 -1.87
N TRP A 382 5.34 1.21 -1.98
CA TRP A 382 6.02 1.35 -3.26
C TRP A 382 6.20 0.05 -4.03
N ILE A 383 6.36 -1.08 -3.33
CA ILE A 383 6.63 -2.37 -3.98
C ILE A 383 5.40 -2.90 -4.71
N VAL A 384 4.21 -2.74 -4.12
CA VAL A 384 3.00 -3.26 -4.77
C VAL A 384 2.69 -2.44 -6.01
N PRO A 385 2.49 -3.08 -7.17
CA PRO A 385 2.30 -2.31 -8.39
C PRO A 385 1.03 -1.49 -8.37
N PRO A 386 0.98 -0.40 -9.14
CA PRO A 386 -0.18 0.49 -9.16
C PRO A 386 -1.36 -0.03 -9.96
N MET A 387 -1.31 -1.27 -10.44
CA MET A 387 -2.50 -1.91 -10.96
C MET A 387 -2.52 -3.36 -10.50
N SER A 388 -3.74 -3.92 -10.45
CA SER A 388 -3.93 -5.35 -10.16
C SER A 388 -3.17 -5.79 -8.91
N GLY A 389 -3.15 -4.93 -7.89
CA GLY A 389 -2.30 -5.16 -6.72
C GLY A 389 -2.40 -6.54 -6.13
N SER A 390 -3.61 -6.98 -5.80
CA SER A 390 -3.75 -8.20 -5.02
C SER A 390 -3.65 -9.47 -5.85
N ILE A 391 -3.51 -9.39 -7.18
CA ILE A 391 -3.22 -10.62 -7.91
C ILE A 391 -1.72 -10.78 -8.14
N THR A 392 -0.91 -9.85 -7.66
CA THR A 392 0.53 -10.05 -7.58
C THR A 392 0.89 -10.54 -6.18
N PRO A 393 1.92 -11.36 -6.05
CA PRO A 393 2.20 -11.98 -4.74
C PRO A 393 2.63 -10.99 -3.68
N VAL A 394 3.17 -9.82 -4.05
CA VAL A 394 3.68 -8.93 -3.02
C VAL A 394 2.55 -8.31 -2.21
N PHE A 395 1.34 -8.21 -2.77
CA PHE A 395 0.22 -7.67 -2.00
C PHE A 395 0.01 -8.46 -0.72
N HIS A 396 0.23 -9.76 -0.77
CA HIS A 396 -0.08 -10.62 0.37
C HIS A 396 1.13 -10.81 1.27
N GLN A 397 2.23 -10.14 0.99
CA GLN A 397 3.49 -10.29 1.71
C GLN A 397 3.65 -9.14 2.70
N GLU A 398 3.63 -9.47 3.99
CA GLU A 398 4.06 -8.48 4.98
C GLU A 398 5.53 -8.11 4.76
N MET A 399 5.83 -6.84 4.96
CA MET A 399 7.18 -6.31 4.76
C MET A 399 7.53 -5.37 5.90
N LEU A 400 8.80 -5.37 6.29
CA LEU A 400 9.31 -4.43 7.29
C LEU A 400 10.15 -3.39 6.57
N ASN A 401 9.86 -2.11 6.84
CA ASN A 401 10.64 -1.05 6.21
C ASN A 401 11.57 -0.40 7.22
N TYR A 402 12.84 -0.29 6.84
CA TYR A 402 13.86 0.34 7.67
C TYR A 402 14.99 0.76 6.76
N ARG A 403 15.87 1.59 7.31
CA ARG A 403 16.88 2.33 6.56
C ARG A 403 18.24 1.72 6.87
N LEU A 404 18.86 1.13 5.85
CA LEU A 404 20.20 0.61 5.97
C LEU A 404 21.13 1.46 5.11
N THR A 405 22.40 1.46 5.48
CA THR A 405 23.40 2.15 4.68
CA THR A 405 23.41 2.16 4.72
C THR A 405 24.49 1.16 4.27
N PRO A 406 25.12 1.35 3.08
CA PRO A 406 24.99 2.37 2.02
C PRO A 406 23.57 2.56 1.46
N SER A 407 23.25 3.77 1.01
CA SER A 407 21.88 4.08 0.64
C SER A 407 21.86 5.12 -0.48
N PHE A 408 20.75 5.10 -1.22
CA PHE A 408 20.37 6.21 -2.08
C PHE A 408 19.35 7.07 -1.34
N GLU A 409 19.56 8.38 -1.34
CA GLU A 409 18.68 9.29 -0.63
C GLU A 409 18.22 10.36 -1.61
N TYR A 410 17.10 10.99 -1.26
CA TYR A 410 16.68 12.18 -1.98
C TYR A 410 17.48 13.39 -1.52
N GLN A 411 17.56 14.39 -2.39
CA GLN A 411 18.27 15.62 -2.11
C GLN A 411 17.51 16.75 -2.75
N PRO A 412 17.67 17.98 -2.27
CA PRO A 412 16.92 19.10 -2.85
C PRO A 412 17.23 19.28 -4.32
N ASP A 413 16.23 19.73 -5.08
CA ASP A 413 16.47 20.12 -6.46
C ASP A 413 17.49 21.25 -6.48
N PRO A 414 18.51 21.18 -7.33
CA PRO A 414 19.65 22.10 -7.20
C PRO A 414 19.33 23.53 -7.55
N TRP A 415 18.27 23.80 -8.33
CA TRP A 415 17.97 25.20 -8.64
C TRP A 415 17.44 25.95 -7.43
N ASN A 416 16.85 25.26 -6.47
CA ASN A 416 16.47 25.87 -5.19
C ASN A 416 17.65 26.03 -4.24
N THR A 417 18.86 25.67 -4.67
CA THR A 417 20.02 25.61 -3.77
C THR A 417 21.20 26.39 -4.36
N HIS A 418 21.33 26.37 -5.68
CA HIS A 418 22.53 26.87 -6.33
C HIS A 418 22.64 28.38 -6.19
N VAL A 419 23.83 28.84 -5.79
CA VAL A 419 24.16 30.26 -5.84
C VAL A 419 24.57 30.58 -7.27
N TRP A 420 23.60 31.00 -8.08
CA TRP A 420 23.75 31.10 -9.54
C TRP A 420 24.86 32.07 -9.99
N ARG B 3 1.95 20.61 18.45
CA ARG B 3 2.66 20.15 17.27
C ARG B 3 1.69 19.79 16.13
N PHE B 4 2.11 20.08 14.90
CA PHE B 4 1.27 19.94 13.71
C PHE B 4 1.98 19.03 12.70
N LEU B 5 1.18 18.31 11.90
CA LEU B 5 1.70 17.43 10.87
C LEU B 5 0.96 17.64 9.55
N LYS B 6 1.69 17.63 8.44
CA LYS B 6 1.09 17.88 7.13
C LYS B 6 1.10 16.62 6.27
N VAL B 7 0.03 16.45 5.49
CA VAL B 7 -0.07 15.41 4.47
C VAL B 7 -0.40 16.08 3.14
N LYS B 8 0.18 15.57 2.07
CA LYS B 8 0.07 16.17 0.76
C LYS B 8 -0.60 15.19 -0.20
N ASN B 9 -1.47 15.71 -1.05
CA ASN B 9 -2.01 14.93 -2.15
C ASN B 9 -1.15 15.27 -3.37
N TRP B 10 -0.42 14.28 -3.88
CA TRP B 10 0.57 14.51 -4.93
C TRP B 10 -0.05 14.66 -6.31
N GLU B 11 -1.35 14.46 -6.45
CA GLU B 11 -2.06 14.68 -7.70
C GLU B 11 -2.71 16.06 -7.77
N THR B 12 -3.09 16.62 -6.61
CA THR B 12 -3.73 17.92 -6.52
C THR B 12 -2.91 18.97 -5.79
N ASP B 13 -1.79 18.61 -5.18
CA ASP B 13 -0.96 19.47 -4.33
C ASP B 13 -1.69 20.02 -3.11
N VAL B 14 -2.89 19.52 -2.81
CA VAL B 14 -3.60 19.92 -1.60
C VAL B 14 -2.87 19.40 -0.38
N VAL B 15 -2.58 20.29 0.57
CA VAL B 15 -1.88 19.94 1.80
C VAL B 15 -2.83 20.13 2.98
N LEU B 16 -2.99 19.10 3.81
CA LEU B 16 -3.82 19.18 5.00
C LEU B 16 -2.96 19.09 6.25
N THR B 17 -3.45 19.66 7.34
CA THR B 17 -2.71 19.74 8.60
C THR B 17 -3.43 18.94 9.66
N ASP B 18 -2.71 18.00 10.29
CA ASP B 18 -3.30 17.11 11.29
C ASP B 18 -2.88 17.54 12.68
N THR B 19 -3.86 17.89 13.49
CA THR B 19 -3.70 18.02 14.93
C THR B 19 -4.33 16.87 15.70
N LEU B 20 -5.25 16.11 15.07
CA LEU B 20 -6.01 15.11 15.80
C LEU B 20 -5.13 13.97 16.32
N HIS B 21 -3.97 13.76 15.70
CA HIS B 21 -3.09 12.67 16.13
C HIS B 21 -2.59 12.89 17.55
N LEU B 22 -2.65 14.11 18.05
CA LEU B 22 -2.22 14.38 19.42
C LEU B 22 -3.11 13.67 20.44
N LYS B 23 -4.39 13.46 20.12
CA LYS B 23 -5.31 12.75 21.00
C LYS B 23 -5.10 11.24 20.95
N SER B 24 -4.14 10.76 20.18
CA SER B 24 -3.89 9.35 20.05
C SER B 24 -2.94 8.89 21.15
N THR B 25 -3.25 7.74 21.74
CA THR B 25 -2.40 7.20 22.80
C THR B 25 -2.01 5.74 22.57
N LEU B 26 -2.91 4.93 22.02
CA LEU B 26 -2.55 3.55 21.69
C LEU B 26 -1.39 3.52 20.70
N GLU B 27 -0.65 2.41 20.70
CA GLU B 27 0.59 2.31 19.92
C GLU B 27 0.35 1.67 18.55
N THR B 28 1.12 2.11 17.55
CA THR B 28 0.92 1.69 16.17
C THR B 28 1.63 0.40 15.82
N GLY B 29 2.72 0.09 16.50
CA GLY B 29 3.61 -0.98 16.11
C GLY B 29 4.88 -0.51 15.45
N CYS B 30 4.92 0.73 14.98
CA CYS B 30 6.14 1.28 14.38
C CYS B 30 7.02 1.89 15.46
N THR B 31 8.26 2.20 15.08
CA THR B 31 9.18 2.96 15.90
C THR B 31 9.93 3.93 15.00
N GLU B 32 10.85 4.69 15.58
CA GLU B 32 11.70 5.54 14.77
C GLU B 32 12.57 4.72 13.81
N HIS B 33 12.73 3.43 14.07
CA HIS B 33 13.68 2.62 13.31
C HIS B 33 13.05 1.51 12.49
N ILE B 34 11.74 1.33 12.55
CA ILE B 34 11.08 0.33 11.71
C ILE B 34 9.62 0.74 11.52
N CYS B 35 9.12 0.57 10.30
CA CYS B 35 7.73 0.81 9.97
C CYS B 35 7.06 -0.53 9.75
N MET B 36 5.98 -0.78 10.50
CA MET B 36 5.23 -2.03 10.39
C MET B 36 3.89 -1.78 9.73
N GLY B 37 3.84 -0.77 8.85
CA GLY B 37 2.61 -0.36 8.19
C GLY B 37 1.96 -1.43 7.33
N SER B 38 2.69 -2.45 6.91
CA SER B 38 2.08 -3.52 6.12
C SER B 38 1.82 -4.80 6.91
N ILE B 39 2.04 -4.78 8.22
CA ILE B 39 1.76 -5.95 9.04
C ILE B 39 0.26 -6.01 9.34
N MET B 40 -0.35 -7.18 9.13
CA MET B 40 -1.80 -7.28 9.29
C MET B 40 -2.22 -7.12 10.75
N LEU B 41 -1.50 -7.75 11.68
CA LEU B 41 -1.76 -7.62 13.12
C LEU B 41 -0.47 -7.24 13.84
N PRO B 42 -0.21 -5.94 14.03
CA PRO B 42 1.03 -5.51 14.69
C PRO B 42 1.04 -5.76 16.21
N VAL B 52 -8.76 -9.36 31.30
CA VAL B 52 -9.79 -8.41 31.70
C VAL B 52 -9.16 -7.23 32.44
N ARG B 53 -9.83 -6.07 32.39
CA ARG B 53 -9.35 -4.86 33.04
C ARG B 53 -9.72 -4.83 34.52
N THR B 54 -9.00 -4.00 35.26
CA THR B 54 -9.28 -3.76 36.67
C THR B 54 -9.77 -2.33 36.88
N LYS B 55 -10.47 -2.13 38.00
CA LYS B 55 -10.93 -0.81 38.41
C LYS B 55 -9.81 0.23 38.33
N ASP B 56 -8.56 -0.22 38.50
CA ASP B 56 -7.36 0.60 38.36
C ASP B 56 -7.39 1.46 37.11
N GLN B 57 -7.28 0.83 35.95
CA GLN B 57 -7.14 1.55 34.69
C GLN B 57 -8.46 2.02 34.10
N LEU B 58 -9.61 1.66 34.69
CA LEU B 58 -10.87 1.85 33.98
C LEU B 58 -11.43 3.27 34.11
N PHE B 59 -11.29 3.92 35.28
CA PHE B 59 -11.92 5.24 35.36
C PHE B 59 -11.29 6.29 34.43
N PRO B 60 -9.96 6.38 34.29
CA PRO B 60 -9.43 7.34 33.30
C PRO B 60 -9.92 7.08 31.90
N LEU B 61 -10.13 5.81 31.53
CA LEU B 61 -10.69 5.50 30.23
C LEU B 61 -12.12 5.98 30.13
N ALA B 62 -12.90 5.81 31.20
CA ALA B 62 -14.27 6.30 31.22
C ALA B 62 -14.29 7.83 31.13
N LYS B 63 -13.48 8.48 31.98
CA LYS B 63 -13.47 9.93 32.01
C LYS B 63 -13.12 10.52 30.65
N GLU B 64 -12.10 9.97 30.01
CA GLU B 64 -11.70 10.45 28.69
C GLU B 64 -12.86 10.33 27.71
N PHE B 65 -13.56 9.19 27.74
CA PHE B 65 -14.67 9.00 26.83
C PHE B 65 -15.81 9.97 27.16
N LEU B 66 -16.14 10.11 28.45
CA LEU B 66 -17.25 10.99 28.82
C LEU B 66 -16.90 12.45 28.54
N ASP B 67 -15.62 12.83 28.65
CA ASP B 67 -15.24 14.18 28.24
C ASP B 67 -15.49 14.40 26.76
N GLN B 68 -15.06 13.46 25.91
CA GLN B 68 -15.38 13.51 24.48
C GLN B 68 -16.88 13.60 24.25
N TYR B 69 -17.64 12.74 24.93
CA TYR B 69 -19.08 12.68 24.69
C TYR B 69 -19.73 14.02 25.01
N TYR B 70 -19.44 14.60 26.18
CA TYR B 70 -20.06 15.86 26.55
C TYR B 70 -19.52 17.05 25.76
N SER B 71 -18.28 16.98 25.27
CA SER B 71 -17.83 18.01 24.33
C SER B 71 -18.66 17.98 23.05
N SER B 72 -18.96 16.77 22.55
CA SER B 72 -19.68 16.64 21.28
C SER B 72 -21.10 17.19 21.37
N ILE B 73 -21.70 17.17 22.56
CA ILE B 73 -23.04 17.69 22.75
C ILE B 73 -23.03 19.10 23.33
N LYS B 74 -21.88 19.78 23.32
CA LYS B 74 -21.75 21.16 23.81
C LYS B 74 -22.14 21.28 25.28
N ARG B 75 -21.71 20.30 26.08
CA ARG B 75 -22.03 20.30 27.52
C ARG B 75 -20.81 20.00 28.38
N PHE B 76 -19.59 20.21 27.85
CA PHE B 76 -18.40 19.96 28.63
C PHE B 76 -18.37 20.86 29.85
N GLY B 77 -18.06 20.27 31.00
CA GLY B 77 -18.05 21.00 32.24
C GLY B 77 -19.40 21.32 32.82
N SER B 78 -20.49 20.89 32.18
CA SER B 78 -21.82 21.20 32.69
C SER B 78 -22.13 20.37 33.94
N LYS B 79 -23.28 20.64 34.54
CA LYS B 79 -23.68 19.86 35.70
C LYS B 79 -24.07 18.44 35.30
N ALA B 80 -24.70 18.27 34.14
CA ALA B 80 -24.98 16.91 33.67
C ALA B 80 -23.67 16.15 33.45
N HIS B 81 -22.67 16.82 32.90
CA HIS B 81 -21.36 16.20 32.70
C HIS B 81 -20.73 15.80 34.04
N MET B 82 -20.63 16.74 34.96
CA MET B 82 -19.98 16.45 36.24
C MET B 82 -20.72 15.37 37.04
N ASP B 83 -22.06 15.39 37.01
CA ASP B 83 -22.83 14.36 37.72
C ASP B 83 -22.61 12.98 37.13
N ARG B 84 -22.57 12.88 35.80
CA ARG B 84 -22.30 11.62 35.12
C ARG B 84 -20.92 11.07 35.46
N LEU B 85 -19.90 11.94 35.52
CA LEU B 85 -18.58 11.50 35.93
C LEU B 85 -18.62 10.98 37.37
N GLU B 86 -19.28 11.72 38.26
CA GLU B 86 -19.47 11.28 39.63
C GLU B 86 -20.15 9.92 39.67
N GLU B 87 -21.28 9.79 38.97
CA GLU B 87 -22.05 8.55 38.94
C GLU B 87 -21.20 7.38 38.45
N VAL B 88 -20.41 7.58 37.39
CA VAL B 88 -19.60 6.50 36.84
C VAL B 88 -18.47 6.13 37.80
N ASN B 89 -17.86 7.13 38.43
CA ASN B 89 -16.81 6.88 39.41
C ASN B 89 -17.29 5.97 40.52
N LYS B 90 -18.42 6.32 41.15
CA LYS B 90 -18.96 5.52 42.24
C LYS B 90 -19.34 4.13 41.75
N GLU B 91 -19.95 4.04 40.57
CA GLU B 91 -20.35 2.75 40.06
C GLU B 91 -19.14 1.85 39.80
N ILE B 92 -18.01 2.44 39.39
CA ILE B 92 -16.81 1.65 39.18
C ILE B 92 -16.27 1.12 40.49
N GLU B 93 -16.06 2.00 41.48
CA GLU B 93 -15.44 1.54 42.72
C GLU B 93 -16.32 0.53 43.46
N SER B 94 -17.64 0.59 43.28
CA SER B 94 -18.51 -0.31 44.02
C SER B 94 -18.86 -1.58 43.24
N THR B 95 -18.94 -1.52 41.91
CA THR B 95 -19.26 -2.68 41.11
C THR B 95 -18.13 -3.14 40.19
N SER B 96 -17.04 -2.37 40.08
CA SER B 96 -15.83 -2.63 39.32
C SER B 96 -16.02 -2.40 37.81
N THR B 97 -17.24 -2.15 37.33
CA THR B 97 -17.46 -1.82 35.94
C THR B 97 -18.44 -0.65 35.89
N TYR B 98 -19.01 -0.34 34.73
CA TYR B 98 -20.14 0.58 34.69
C TYR B 98 -20.93 0.35 33.41
N GLN B 99 -22.13 0.94 33.38
CA GLN B 99 -23.06 0.80 32.26
C GLN B 99 -23.15 2.12 31.50
N LEU B 100 -23.03 2.03 30.18
CA LEU B 100 -23.25 3.19 29.31
C LEU B 100 -24.74 3.50 29.20
N LYS B 101 -25.08 4.79 29.24
CA LYS B 101 -26.40 5.22 28.81
C LYS B 101 -26.59 4.93 27.32
N ASP B 102 -27.86 4.86 26.91
CA ASP B 102 -28.18 4.62 25.50
C ASP B 102 -27.52 5.66 24.60
N THR B 103 -27.58 6.93 24.99
CA THR B 103 -26.98 7.99 24.20
C THR B 103 -25.47 7.78 24.04
N GLU B 104 -24.81 7.35 25.11
CA GLU B 104 -23.35 7.17 25.08
C GLU B 104 -22.97 5.99 24.21
N LEU B 105 -23.75 4.92 24.26
CA LEU B 105 -23.50 3.75 23.44
C LEU B 105 -23.63 4.09 21.96
N ILE B 106 -24.66 4.85 21.58
CA ILE B 106 -24.85 5.21 20.19
C ILE B 106 -23.68 6.07 19.72
N TYR B 107 -23.33 7.09 20.51
CA TYR B 107 -22.15 7.90 20.22
C TYR B 107 -20.90 7.04 20.08
N GLY B 108 -20.71 6.10 21.01
CA GLY B 108 -19.51 5.28 21.00
C GLY B 108 -19.39 4.42 19.74
N ALA B 109 -20.49 3.75 19.36
CA ALA B 109 -20.46 2.88 18.19
C ALA B 109 -20.21 3.68 16.92
N LYS B 110 -20.83 4.85 16.79
CA LYS B 110 -20.61 5.69 15.63
C LYS B 110 -19.16 6.15 15.56
N HIS B 111 -18.56 6.44 16.71
CA HIS B 111 -17.20 6.95 16.68
C HIS B 111 -16.17 5.86 16.50
N ALA B 112 -16.48 4.63 16.91
CA ALA B 112 -15.59 3.51 16.59
C ALA B 112 -15.52 3.32 15.08
N TRP B 113 -16.65 3.45 14.39
CA TRP B 113 -16.63 3.41 12.93
C TRP B 113 -15.84 4.60 12.37
N ARG B 114 -16.10 5.80 12.92
CA ARG B 114 -15.42 6.99 12.44
C ARG B 114 -13.90 6.89 12.58
N ASN B 115 -13.42 6.14 13.58
CA ASN B 115 -12.00 6.01 13.86
C ASN B 115 -11.36 4.78 13.20
N ALA B 116 -12.14 4.00 12.44
CA ALA B 116 -11.62 2.76 11.86
C ALA B 116 -10.73 3.11 10.68
N SER B 117 -9.42 3.26 10.93
CA SER B 117 -8.56 3.80 9.89
C SER B 117 -8.48 2.90 8.64
N ARG B 118 -8.89 1.63 8.73
CA ARG B 118 -8.86 0.75 7.57
C ARG B 118 -10.11 0.80 6.72
N CYS B 119 -11.09 1.62 7.08
CA CYS B 119 -12.40 1.60 6.42
C CYS B 119 -12.56 2.76 5.45
N VAL B 120 -12.75 2.45 4.16
CA VAL B 120 -12.90 3.49 3.14
C VAL B 120 -14.31 4.03 3.08
N GLY B 121 -15.26 3.41 3.78
CA GLY B 121 -16.64 3.84 3.68
C GLY B 121 -17.10 4.79 4.78
N ARG B 122 -16.16 5.46 5.45
CA ARG B 122 -16.51 6.21 6.64
C ARG B 122 -17.26 7.51 6.37
N ILE B 123 -17.45 7.92 5.12
CA ILE B 123 -18.29 9.09 4.90
C ILE B 123 -19.67 8.88 5.48
N GLN B 124 -20.07 7.63 5.67
CA GLN B 124 -21.38 7.28 6.19
C GLN B 124 -21.45 7.18 7.71
N TRP B 125 -20.37 7.50 8.43
CA TRP B 125 -20.21 7.05 9.82
C TRP B 125 -21.35 7.54 10.71
N SER B 126 -21.86 8.74 10.47
CA SER B 126 -22.91 9.25 11.35
C SER B 126 -24.27 8.63 11.07
N LYS B 127 -24.42 7.91 9.96
CA LYS B 127 -25.69 7.27 9.60
C LYS B 127 -25.54 5.78 9.90
N LEU B 128 -25.80 5.42 11.15
CA LEU B 128 -25.60 4.07 11.63
C LEU B 128 -26.74 3.75 12.57
N GLN B 129 -27.42 2.64 12.31
CA GLN B 129 -28.51 2.20 13.18
C GLN B 129 -27.93 1.32 14.28
N VAL B 130 -28.10 1.74 15.54
CA VAL B 130 -27.53 1.02 16.67
C VAL B 130 -28.66 0.24 17.34
N PHE B 131 -28.50 -1.08 17.42
CA PHE B 131 -29.45 -1.94 18.12
C PHE B 131 -28.82 -2.37 19.44
N ASP B 132 -29.49 -2.00 20.55
CA ASP B 132 -29.03 -2.27 21.91
C ASP B 132 -29.50 -3.66 22.32
N ALA B 133 -28.60 -4.63 22.32
CA ALA B 133 -28.91 -5.99 22.74
C ALA B 133 -28.28 -6.32 24.09
N ARG B 134 -28.09 -5.31 24.93
CA ARG B 134 -27.39 -5.54 26.18
C ARG B 134 -28.26 -6.25 27.21
N ASP B 135 -29.55 -6.45 26.91
CA ASP B 135 -30.43 -7.22 27.78
C ASP B 135 -30.48 -8.70 27.43
N CYS B 136 -29.73 -9.11 26.40
CA CYS B 136 -29.71 -10.48 25.93
C CYS B 136 -29.01 -11.39 26.94
N THR B 137 -29.48 -12.63 27.06
CA THR B 137 -28.93 -13.56 28.03
C THR B 137 -28.62 -14.95 27.49
N THR B 138 -29.19 -15.34 26.35
CA THR B 138 -28.98 -16.69 25.83
C THR B 138 -28.65 -16.63 24.35
N ALA B 139 -28.10 -17.75 23.86
CA ALA B 139 -27.79 -17.88 22.44
C ALA B 139 -29.04 -17.76 21.59
N HIS B 140 -30.16 -18.32 22.05
CA HIS B 140 -31.41 -18.14 21.30
C HIS B 140 -31.78 -16.67 21.20
N GLY B 141 -31.57 -15.91 22.28
CA GLY B 141 -31.83 -14.48 22.22
C GLY B 141 -30.89 -13.79 21.27
N MET B 142 -29.63 -14.22 21.24
CA MET B 142 -28.69 -13.67 20.26
C MET B 142 -29.17 -13.91 18.84
N PHE B 143 -29.65 -15.13 18.58
CA PHE B 143 -30.15 -15.47 17.24
C PHE B 143 -31.31 -14.57 16.84
N ASN B 144 -32.25 -14.32 17.76
CA ASN B 144 -33.34 -13.42 17.44
C ASN B 144 -32.85 -12.02 17.09
N TYR B 145 -31.93 -11.49 17.90
CA TYR B 145 -31.38 -10.16 17.66
C TYR B 145 -30.66 -10.10 16.31
N ILE B 146 -29.95 -11.15 15.96
CA ILE B 146 -29.19 -11.16 14.71
C ILE B 146 -30.13 -11.27 13.51
N CYS B 147 -31.21 -12.07 13.63
CA CYS B 147 -32.17 -12.10 12.53
C CYS B 147 -32.76 -10.72 12.30
N ASN B 148 -33.13 -10.01 13.36
CA ASN B 148 -33.73 -8.68 13.21
C ASN B 148 -32.76 -7.70 12.56
N HIS B 149 -31.48 -7.82 12.91
CA HIS B 149 -30.43 -6.98 12.32
C HIS B 149 -30.30 -7.24 10.83
N VAL B 150 -30.20 -8.52 10.45
CA VAL B 150 -30.08 -8.90 9.05
C VAL B 150 -31.27 -8.38 8.26
N LYS B 151 -32.49 -8.54 8.80
CA LYS B 151 -33.64 -8.11 8.05
C LYS B 151 -33.69 -6.59 7.94
N TYR B 152 -33.38 -5.90 9.04
CA TYR B 152 -33.34 -4.45 9.01
C TYR B 152 -32.29 -3.97 8.01
N ALA B 153 -31.08 -4.50 8.12
CA ALA B 153 -29.98 -4.00 7.31
C ALA B 153 -30.16 -4.33 5.84
N THR B 154 -30.75 -5.49 5.53
CA THR B 154 -30.94 -5.90 4.15
C THR B 154 -31.98 -5.02 3.46
N ASN B 155 -33.13 -4.84 4.10
CA ASN B 155 -34.12 -3.88 3.61
C ASN B 155 -34.48 -4.14 2.14
N LYS B 156 -34.60 -5.43 1.79
CA LYS B 156 -34.95 -5.89 0.43
C LYS B 156 -33.96 -5.41 -0.64
N GLY B 157 -32.70 -5.19 -0.26
CA GLY B 157 -31.66 -4.76 -1.19
C GLY B 157 -31.23 -3.33 -1.02
N ASN B 158 -32.07 -2.49 -0.41
CA ASN B 158 -31.73 -1.10 -0.14
C ASN B 158 -31.00 -1.06 1.20
N LEU B 159 -29.72 -1.43 1.16
CA LEU B 159 -28.96 -1.73 2.37
C LEU B 159 -28.87 -0.52 3.30
N ARG B 160 -28.89 -0.81 4.60
CA ARG B 160 -28.81 0.17 5.68
C ARG B 160 -27.75 -0.28 6.66
N SER B 161 -26.83 0.61 7.03
CA SER B 161 -25.80 0.26 8.01
C SER B 161 -26.40 0.05 9.39
N ALA B 162 -25.88 -0.95 10.10
CA ALA B 162 -26.40 -1.26 11.42
C ALA B 162 -25.35 -2.01 12.23
N ILE B 163 -25.45 -1.87 13.56
CA ILE B 163 -24.63 -2.62 14.50
C ILE B 163 -25.56 -3.08 15.62
N THR B 164 -25.34 -4.31 16.10
CA THR B 164 -26.06 -4.86 17.24
C THR B 164 -25.07 -5.12 18.36
N ILE B 165 -25.33 -4.59 19.56
CA ILE B 165 -24.34 -4.62 20.63
C ILE B 165 -24.83 -5.50 21.75
N PHE B 166 -24.15 -6.61 21.97
CA PHE B 166 -24.46 -7.57 23.02
C PHE B 166 -23.75 -7.19 24.31
N PRO B 167 -24.09 -7.85 25.44
CA PRO B 167 -23.52 -7.39 26.73
C PRO B 167 -21.99 -7.38 26.74
N GLN B 168 -21.46 -6.40 27.46
CA GLN B 168 -20.03 -6.21 27.58
C GLN B 168 -19.37 -7.31 28.42
N ARG B 169 -18.06 -7.44 28.25
CA ARG B 169 -17.24 -8.35 29.03
C ARG B 169 -17.29 -8.00 30.51
N THR B 170 -17.25 -9.03 31.35
CA THR B 170 -17.26 -8.76 32.78
C THR B 170 -15.95 -9.28 33.36
N ASP B 171 -15.85 -10.57 33.65
CA ASP B 171 -14.61 -11.14 34.13
C ASP B 171 -13.82 -11.87 33.03
N GLY B 172 -14.23 -11.74 31.77
CA GLY B 172 -13.61 -12.47 30.70
C GLY B 172 -13.96 -13.94 30.63
N LYS B 173 -14.72 -14.45 31.60
CA LYS B 173 -15.19 -15.83 31.62
C LYS B 173 -16.66 -15.97 31.21
N HIS B 174 -17.35 -14.86 30.94
CA HIS B 174 -18.76 -14.87 30.55
C HIS B 174 -18.96 -14.10 29.25
N ASP B 175 -18.00 -14.18 28.33
CA ASP B 175 -18.09 -13.38 27.12
C ASP B 175 -19.26 -13.81 26.24
N PHE B 176 -19.93 -12.82 25.65
CA PHE B 176 -20.75 -13.06 24.46
C PHE B 176 -19.85 -13.01 23.23
N ARG B 177 -19.96 -14.00 22.36
CA ARG B 177 -19.19 -14.04 21.12
C ARG B 177 -20.05 -14.55 19.99
N VAL B 178 -19.86 -13.99 18.80
CA VAL B 178 -20.33 -14.60 17.56
C VAL B 178 -19.14 -15.33 16.95
N TRP B 179 -19.21 -16.66 16.83
CA TRP B 179 -18.03 -17.40 16.39
C TRP B 179 -17.79 -17.26 14.89
N ASN B 180 -18.82 -16.96 14.12
CA ASN B 180 -18.67 -16.61 12.70
C ASN B 180 -17.84 -15.34 12.56
N SER B 181 -17.02 -15.30 11.50
CA SER B 181 -16.30 -14.06 11.24
C SER B 181 -17.20 -13.06 10.53
N GLN B 182 -18.14 -13.53 9.72
CA GLN B 182 -19.20 -12.70 9.19
C GLN B 182 -20.53 -13.42 9.42
N LEU B 183 -21.59 -12.63 9.60
CA LEU B 183 -22.91 -13.24 9.83
C LEU B 183 -23.32 -14.13 8.68
N ILE B 184 -23.02 -13.72 7.44
CA ILE B 184 -23.36 -14.47 6.25
C ILE B 184 -22.06 -14.76 5.51
N ARG B 185 -21.76 -16.04 5.31
CA ARG B 185 -20.51 -16.48 4.68
C ARG B 185 -20.70 -17.90 4.17
N TYR B 186 -19.90 -18.29 3.16
CA TYR B 186 -20.07 -19.60 2.57
C TYR B 186 -19.13 -20.64 3.20
N ALA B 187 -19.63 -21.87 3.32
CA ALA B 187 -18.83 -22.95 3.87
C ALA B 187 -17.66 -23.31 2.94
N GLY B 188 -16.63 -23.90 3.54
CA GLY B 188 -15.55 -24.51 2.78
C GLY B 188 -15.21 -25.90 3.29
N TYR B 189 -14.99 -26.82 2.36
CA TYR B 189 -14.73 -28.22 2.70
C TYR B 189 -13.45 -28.69 2.04
N LYS B 190 -12.51 -29.20 2.83
CA LYS B 190 -11.30 -29.81 2.29
C LYS B 190 -11.62 -31.24 1.85
N GLN B 191 -11.32 -31.54 0.60
CA GLN B 191 -11.56 -32.87 0.04
C GLN B 191 -10.38 -33.79 0.33
N PRO B 192 -10.60 -35.10 0.31
CA PRO B 192 -9.47 -36.04 0.48
C PRO B 192 -8.37 -35.88 -0.56
N ASP B 193 -8.71 -35.43 -1.77
CA ASP B 193 -7.71 -35.24 -2.82
C ASP B 193 -6.92 -33.94 -2.66
N GLY B 194 -7.13 -33.21 -1.55
CA GLY B 194 -6.41 -31.99 -1.30
C GLY B 194 -7.07 -30.72 -1.83
N SER B 195 -8.04 -30.84 -2.73
CA SER B 195 -8.74 -29.66 -3.21
C SER B 195 -9.75 -29.17 -2.17
N THR B 196 -10.33 -28.01 -2.43
CA THR B 196 -11.30 -27.40 -1.53
C THR B 196 -12.59 -27.10 -2.29
N LEU B 197 -13.72 -27.48 -1.71
CA LEU B 197 -15.02 -27.10 -2.23
C LEU B 197 -15.56 -25.92 -1.43
N GLY B 198 -15.99 -24.88 -2.13
CA GLY B 198 -16.52 -23.68 -1.50
C GLY B 198 -15.47 -22.66 -1.16
N ASP B 199 -15.59 -22.00 -0.01
CA ASP B 199 -14.73 -20.88 0.31
C ASP B 199 -13.58 -21.35 1.21
N PRO B 200 -12.34 -21.42 0.71
CA PRO B 200 -11.24 -21.94 1.55
C PRO B 200 -10.99 -21.14 2.81
N ALA B 201 -11.35 -19.85 2.83
CA ALA B 201 -11.18 -19.07 4.05
C ALA B 201 -11.98 -19.61 5.23
N ASN B 202 -13.01 -20.42 4.99
CA ASN B 202 -13.94 -20.82 6.04
C ASN B 202 -13.88 -22.32 6.35
N VAL B 203 -12.81 -23.01 5.94
CA VAL B 203 -12.70 -24.44 6.17
C VAL B 203 -12.65 -24.75 7.66
N GLN B 204 -11.82 -24.02 8.41
CA GLN B 204 -11.68 -24.34 9.83
C GLN B 204 -12.99 -24.13 10.57
N PHE B 205 -13.69 -23.02 10.28
CA PHE B 205 -14.96 -22.74 10.94
C PHE B 205 -16.05 -23.72 10.51
N THR B 206 -16.08 -24.07 9.21
CA THR B 206 -17.01 -25.09 8.72
C THR B 206 -16.84 -26.40 9.49
N GLU B 207 -15.59 -26.83 9.69
CA GLU B 207 -15.34 -28.07 10.43
C GLU B 207 -15.86 -27.99 11.85
N ILE B 208 -15.70 -26.84 12.49
CA ILE B 208 -16.25 -26.65 13.83
C ILE B 208 -17.77 -26.82 13.80
N CYS B 209 -18.45 -26.16 12.86
CA CYS B 209 -19.90 -26.27 12.76
C CYS B 209 -20.32 -27.71 12.55
N ILE B 210 -19.65 -28.43 11.63
CA ILE B 210 -19.98 -29.83 11.40
C ILE B 210 -19.81 -30.64 12.67
N GLN B 211 -18.70 -30.42 13.37
CA GLN B 211 -18.46 -31.13 14.62
C GLN B 211 -19.52 -30.83 15.67
N GLN B 212 -20.08 -29.62 15.63
CA GLN B 212 -21.14 -29.21 16.54
C GLN B 212 -22.51 -29.72 16.12
N GLY B 213 -22.61 -30.44 14.99
CA GLY B 213 -23.85 -31.05 14.58
C GLY B 213 -24.47 -30.49 13.30
N TRP B 214 -23.86 -29.50 12.66
CA TRP B 214 -24.39 -28.97 11.41
C TRP B 214 -24.36 -30.05 10.33
N LYS B 215 -25.50 -30.27 9.69
CA LYS B 215 -25.58 -31.15 8.52
C LYS B 215 -25.23 -30.33 7.29
N ALA B 216 -24.06 -30.58 6.73
CA ALA B 216 -23.58 -29.72 5.66
C ALA B 216 -24.11 -30.18 4.31
N PRO B 217 -24.69 -29.27 3.51
CA PRO B 217 -25.07 -29.66 2.14
C PRO B 217 -23.88 -30.06 1.28
N ARG B 218 -22.68 -29.61 1.64
CA ARG B 218 -21.45 -29.86 0.88
C ARG B 218 -21.58 -29.41 -0.58
N GLY B 219 -22.01 -28.17 -0.75
CA GLY B 219 -21.95 -27.49 -2.03
C GLY B 219 -20.95 -26.35 -2.02
N ARG B 220 -20.96 -25.58 -3.12
CA ARG B 220 -19.95 -24.55 -3.32
C ARG B 220 -20.32 -23.20 -2.70
N PHE B 221 -21.62 -22.97 -2.43
CA PHE B 221 -22.11 -21.70 -1.88
C PHE B 221 -23.16 -22.00 -0.79
N ASP B 222 -22.73 -22.68 0.27
CA ASP B 222 -23.60 -23.04 1.39
C ASP B 222 -23.48 -21.96 2.46
N VAL B 223 -24.60 -21.30 2.79
CA VAL B 223 -24.57 -20.29 3.84
C VAL B 223 -24.32 -20.97 5.17
N LEU B 224 -23.31 -20.48 5.90
CA LEU B 224 -22.96 -21.15 7.14
C LEU B 224 -24.02 -20.90 8.20
N PRO B 225 -24.18 -21.79 9.16
CA PRO B 225 -25.06 -21.52 10.30
C PRO B 225 -24.38 -20.54 11.25
N LEU B 226 -25.20 -19.85 12.03
CA LEU B 226 -24.65 -19.04 13.11
C LEU B 226 -24.23 -19.93 14.26
N LEU B 227 -23.08 -19.61 14.86
CA LEU B 227 -22.58 -20.31 16.04
C LEU B 227 -22.41 -19.27 17.14
N LEU B 228 -23.30 -19.29 18.12
CA LEU B 228 -23.52 -18.16 19.01
C LEU B 228 -23.23 -18.55 20.45
N GLN B 229 -22.38 -17.76 21.11
CA GLN B 229 -21.95 -17.97 22.49
C GLN B 229 -22.50 -16.83 23.35
N ALA B 230 -23.38 -17.18 24.30
CA ALA B 230 -23.89 -16.20 25.25
C ALA B 230 -23.36 -16.51 26.64
N ASN B 231 -22.94 -15.45 27.34
CA ASN B 231 -22.59 -15.54 28.77
C ASN B 231 -21.47 -16.52 29.07
N GLY B 232 -20.58 -16.75 28.10
CA GLY B 232 -19.49 -17.68 28.30
C GLY B 232 -19.85 -19.15 28.17
N ASN B 233 -21.10 -19.47 27.86
CA ASN B 233 -21.52 -20.85 27.69
C ASN B 233 -21.03 -21.41 26.36
N ASP B 234 -21.10 -22.74 26.24
CA ASP B 234 -20.79 -23.40 24.99
C ASP B 234 -21.67 -22.82 23.89
N PRO B 235 -21.14 -22.63 22.69
CA PRO B 235 -21.92 -22.03 21.61
C PRO B 235 -22.92 -23.00 21.00
N GLU B 236 -23.94 -22.43 20.37
CA GLU B 236 -25.08 -23.19 19.86
C GLU B 236 -25.34 -22.82 18.40
N LEU B 237 -25.78 -23.82 17.62
CA LEU B 237 -25.98 -23.64 16.18
C LEU B 237 -27.39 -23.13 15.88
N PHE B 238 -27.47 -22.24 14.89
CA PHE B 238 -28.74 -21.75 14.39
C PHE B 238 -28.64 -21.53 12.88
N GLN B 239 -29.72 -21.82 12.18
CA GLN B 239 -29.81 -21.57 10.75
C GLN B 239 -30.55 -20.27 10.52
N ILE B 240 -29.89 -19.31 9.90
CA ILE B 240 -30.55 -18.06 9.48
C ILE B 240 -31.66 -18.40 8.51
N PRO B 241 -32.87 -17.90 8.69
CA PRO B 241 -33.96 -18.21 7.74
C PRO B 241 -33.57 -17.80 6.34
N PRO B 242 -33.62 -18.73 5.38
CA PRO B 242 -33.11 -18.43 4.04
C PRO B 242 -33.78 -17.24 3.39
N GLU B 243 -35.04 -16.95 3.74
CA GLU B 243 -35.72 -15.79 3.18
C GLU B 243 -35.10 -14.47 3.65
N LEU B 244 -34.26 -14.51 4.70
CA LEU B 244 -33.54 -13.34 5.16
C LEU B 244 -32.15 -13.21 4.55
N VAL B 245 -31.70 -14.18 3.78
CA VAL B 245 -30.36 -14.16 3.20
C VAL B 245 -30.50 -13.77 1.74
N LEU B 246 -30.26 -12.49 1.45
CA LEU B 246 -30.35 -12.01 0.08
C LEU B 246 -29.05 -12.33 -0.65
N GLU B 247 -29.18 -12.98 -1.80
CA GLU B 247 -28.05 -13.36 -2.65
C GLU B 247 -28.27 -12.84 -4.07
N VAL B 248 -27.16 -12.67 -4.79
CA VAL B 248 -27.13 -12.09 -6.12
C VAL B 248 -26.44 -13.07 -7.05
N PRO B 249 -27.13 -13.64 -8.04
CA PRO B 249 -26.44 -14.47 -9.02
C PRO B 249 -25.61 -13.59 -9.96
N ILE B 250 -24.39 -14.02 -10.23
CA ILE B 250 -23.44 -13.17 -10.95
C ILE B 250 -23.49 -13.50 -12.44
N ARG B 251 -23.75 -12.47 -13.24
CA ARG B 251 -23.67 -12.58 -14.69
C ARG B 251 -22.98 -11.33 -15.23
N HIS B 252 -22.58 -11.41 -16.48
CA HIS B 252 -21.84 -10.36 -17.15
C HIS B 252 -22.73 -9.69 -18.19
N PRO B 253 -22.59 -8.37 -18.38
CA PRO B 253 -23.49 -7.66 -19.31
C PRO B 253 -23.23 -7.96 -20.77
N LYS B 254 -22.04 -8.46 -21.13
CA LYS B 254 -21.77 -8.84 -22.51
C LYS B 254 -21.55 -10.33 -22.70
N PHE B 255 -20.99 -11.03 -21.71
CA PHE B 255 -20.59 -12.43 -21.86
C PHE B 255 -21.70 -13.32 -21.30
N ASP B 256 -22.48 -13.93 -22.19
CA ASP B 256 -23.58 -14.77 -21.75
C ASP B 256 -23.10 -16.07 -21.10
N TRP B 257 -21.87 -16.49 -21.35
CA TRP B 257 -21.37 -17.70 -20.71
C TRP B 257 -21.02 -17.49 -19.25
N PHE B 258 -20.98 -16.24 -18.78
CA PHE B 258 -20.51 -15.96 -17.44
C PHE B 258 -21.46 -16.54 -16.39
N LYS B 259 -22.77 -16.49 -16.64
CA LYS B 259 -23.73 -17.03 -15.70
C LYS B 259 -23.47 -18.52 -15.46
N ASP B 260 -22.99 -19.22 -16.48
CA ASP B 260 -22.78 -20.66 -16.41
C ASP B 260 -21.59 -21.04 -15.54
N LEU B 261 -20.75 -20.07 -15.14
CA LEU B 261 -19.78 -20.34 -14.10
C LEU B 261 -20.43 -20.68 -12.76
N GLY B 262 -21.71 -20.38 -12.60
CA GLY B 262 -22.42 -20.75 -11.40
C GLY B 262 -22.11 -19.92 -10.18
N LEU B 263 -21.73 -18.66 -10.34
CA LEU B 263 -21.30 -17.85 -9.23
C LEU B 263 -22.45 -17.04 -8.65
N LYS B 264 -22.47 -16.91 -7.33
CA LYS B 264 -23.34 -15.98 -6.64
C LYS B 264 -22.57 -15.39 -5.48
N TRP B 265 -23.13 -14.35 -4.86
CA TRP B 265 -22.60 -13.87 -3.60
C TRP B 265 -23.75 -13.31 -2.78
N TYR B 266 -23.51 -13.14 -1.48
CA TYR B 266 -24.54 -12.55 -0.63
C TYR B 266 -24.46 -11.04 -0.68
N GLY B 267 -25.59 -10.41 -0.35
CA GLY B 267 -25.66 -8.97 -0.46
C GLY B 267 -25.12 -8.21 0.73
N LEU B 268 -25.11 -8.83 1.93
CA LEU B 268 -24.89 -8.10 3.17
C LEU B 268 -23.55 -8.43 3.82
N PRO B 269 -22.58 -7.51 3.78
CA PRO B 269 -21.30 -7.71 4.49
C PRO B 269 -21.49 -7.34 5.95
N ALA B 270 -21.29 -8.29 6.85
CA ALA B 270 -21.61 -8.06 8.26
C ALA B 270 -20.52 -8.71 9.11
N VAL B 271 -19.54 -7.89 9.54
CA VAL B 271 -18.42 -8.39 10.31
C VAL B 271 -18.85 -8.68 11.75
N SER B 272 -18.51 -9.86 12.25
CA SER B 272 -19.02 -10.28 13.54
C SER B 272 -17.94 -10.80 14.48
N ASN B 273 -16.66 -10.64 14.17
CA ASN B 273 -15.61 -11.18 15.02
C ASN B 273 -14.75 -10.11 15.69
N MET B 274 -15.12 -8.84 15.60
CA MET B 274 -14.29 -7.79 16.16
C MET B 274 -14.81 -7.40 17.54
N LEU B 275 -13.99 -6.66 18.26
CA LEU B 275 -14.31 -6.20 19.60
C LEU B 275 -14.49 -4.69 19.56
N LEU B 276 -15.59 -4.22 20.14
CA LEU B 276 -15.91 -2.80 20.21
C LEU B 276 -15.48 -2.28 21.58
N GLU B 277 -14.56 -1.32 21.60
CA GLU B 277 -14.14 -0.71 22.85
C GLU B 277 -14.69 0.71 22.96
N ILE B 278 -15.46 0.95 24.04
CA ILE B 278 -16.06 2.25 24.33
C ILE B 278 -15.79 2.57 25.80
N GLY B 279 -15.03 3.62 26.05
CA GLY B 279 -14.83 4.10 27.42
C GLY B 279 -14.24 3.06 28.33
N GLY B 280 -13.34 2.22 27.82
CA GLY B 280 -12.76 1.15 28.58
C GLY B 280 -13.59 -0.11 28.64
N LEU B 281 -14.87 -0.06 28.29
CA LEU B 281 -15.69 -1.27 28.24
C LEU B 281 -15.44 -2.03 26.94
N GLU B 282 -15.49 -3.35 27.02
CA GLU B 282 -15.22 -4.23 25.90
C GLU B 282 -16.48 -5.00 25.50
N PHE B 283 -16.96 -4.75 24.28
CA PHE B 283 -18.11 -5.46 23.71
C PHE B 283 -17.58 -6.47 22.70
N SER B 284 -17.44 -7.72 23.16
CA SER B 284 -16.83 -8.80 22.38
C SER B 284 -17.77 -9.34 21.31
N ALA B 285 -19.06 -9.06 21.40
CA ALA B 285 -20.04 -9.47 20.40
C ALA B 285 -20.72 -8.19 19.93
N CYS B 286 -20.40 -7.76 18.71
CA CYS B 286 -20.93 -6.51 18.19
C CYS B 286 -21.07 -6.52 16.67
N PRO B 287 -21.79 -7.47 16.08
CA PRO B 287 -21.83 -7.54 14.60
C PRO B 287 -22.24 -6.21 13.98
N PHE B 288 -21.54 -5.81 12.91
CA PHE B 288 -21.90 -4.58 12.22
C PHE B 288 -21.88 -4.81 10.71
N SER B 289 -22.70 -4.03 9.99
CA SER B 289 -22.88 -4.31 8.56
C SER B 289 -23.04 -3.00 7.80
N GLY B 290 -22.59 -3.02 6.54
CA GLY B 290 -22.87 -1.92 5.68
C GLY B 290 -23.30 -2.42 4.32
N TRP B 291 -22.53 -2.07 3.29
CA TRP B 291 -22.74 -2.61 1.97
C TRP B 291 -21.37 -2.76 1.30
N TYR B 292 -21.34 -3.58 0.26
CA TYR B 292 -20.08 -4.01 -0.34
C TYR B 292 -19.52 -2.94 -1.27
N MET B 293 -18.19 -2.80 -1.25
CA MET B 293 -17.48 -2.24 -2.39
C MET B 293 -17.17 -3.39 -3.35
N GLY B 294 -17.33 -3.12 -4.67
CA GLY B 294 -17.32 -4.20 -5.65
C GLY B 294 -16.08 -5.07 -5.59
N THR B 295 -14.92 -4.45 -5.39
CA THR B 295 -13.66 -5.20 -5.40
C THR B 295 -13.51 -6.18 -4.25
N GLU B 296 -14.21 -5.96 -3.12
CA GLU B 296 -14.13 -6.97 -2.06
C GLU B 296 -14.52 -8.34 -2.61
N ILE B 297 -15.55 -8.40 -3.44
CA ILE B 297 -16.00 -9.65 -4.01
C ILE B 297 -15.22 -10.02 -5.27
N GLY B 298 -15.17 -9.09 -6.22
CA GLY B 298 -14.65 -9.42 -7.54
C GLY B 298 -13.16 -9.64 -7.57
N VAL B 299 -12.42 -8.93 -6.72
CA VAL B 299 -10.96 -9.06 -6.66
C VAL B 299 -10.54 -10.07 -5.60
N ARG B 300 -10.94 -9.83 -4.36
CA ARG B 300 -10.43 -10.63 -3.24
C ARG B 300 -11.16 -11.97 -3.13
N ASP B 301 -12.50 -11.93 -2.92
CA ASP B 301 -13.25 -13.16 -2.71
C ASP B 301 -13.16 -14.11 -3.90
N TYR B 302 -13.21 -13.59 -5.11
CA TYR B 302 -13.23 -14.47 -6.27
C TYR B 302 -11.84 -14.80 -6.80
N CYS B 303 -10.88 -13.90 -6.64
CA CYS B 303 -9.62 -14.00 -7.38
C CYS B 303 -8.36 -14.18 -6.54
N ASP B 304 -8.40 -13.96 -5.23
CA ASP B 304 -7.27 -14.40 -4.41
C ASP B 304 -6.98 -15.86 -4.73
N ASN B 305 -5.69 -16.19 -4.80
CA ASN B 305 -5.35 -17.59 -5.02
C ASN B 305 -5.87 -18.49 -3.91
N SER B 306 -5.96 -17.96 -2.68
CA SER B 306 -6.38 -18.74 -1.52
CA SER B 306 -6.38 -18.71 -1.50
C SER B 306 -7.88 -18.66 -1.26
N ARG B 307 -8.66 -18.07 -2.18
CA ARG B 307 -10.11 -18.00 -2.05
C ARG B 307 -10.73 -18.80 -3.20
N TYR B 308 -11.78 -18.28 -3.85
CA TYR B 308 -12.43 -19.08 -4.88
C TYR B 308 -11.54 -19.28 -6.11
N ASN B 309 -10.68 -18.31 -6.43
CA ASN B 309 -9.61 -18.51 -7.41
C ASN B 309 -10.16 -18.85 -8.79
N ILE B 310 -10.89 -17.90 -9.38
CA ILE B 310 -11.59 -18.18 -10.64
C ILE B 310 -10.87 -17.58 -11.85
N LEU B 311 -9.71 -16.96 -11.64
CA LEU B 311 -9.01 -16.31 -12.75
C LEU B 311 -8.80 -17.25 -13.92
N GLU B 312 -8.34 -18.48 -13.65
CA GLU B 312 -8.10 -19.47 -14.71
C GLU B 312 -9.35 -19.69 -15.55
N GLU B 313 -10.41 -20.19 -14.92
CA GLU B 313 -11.59 -20.62 -15.68
C GLU B 313 -12.23 -19.46 -16.40
N VAL B 314 -12.15 -18.26 -15.84
CA VAL B 314 -12.67 -17.09 -16.53
C VAL B 314 -11.81 -16.77 -17.74
N ALA B 315 -10.49 -16.74 -17.55
CA ALA B 315 -9.59 -16.47 -18.68
C ALA B 315 -9.69 -17.55 -19.76
N LYS B 316 -9.94 -18.80 -19.37
CA LYS B 316 -10.12 -19.85 -20.37
C LYS B 316 -11.33 -19.55 -21.24
N LYS B 317 -12.49 -19.32 -20.62
CA LYS B 317 -13.71 -19.06 -21.38
C LYS B 317 -13.63 -17.75 -22.16
N MET B 318 -12.80 -16.80 -21.70
CA MET B 318 -12.52 -15.61 -22.49
C MET B 318 -11.58 -15.87 -23.64
N ASP B 319 -10.93 -17.04 -23.66
CA ASP B 319 -9.94 -17.41 -24.66
C ASP B 319 -8.90 -16.30 -24.83
N LEU B 320 -8.14 -16.10 -23.74
CA LEU B 320 -7.01 -15.19 -23.74
C LEU B 320 -5.73 -16.00 -23.89
N ASP B 321 -4.67 -15.31 -24.32
CA ASP B 321 -3.34 -15.91 -24.36
C ASP B 321 -2.86 -16.12 -22.93
N MET B 322 -2.90 -17.36 -22.47
CA MET B 322 -2.56 -17.68 -21.08
C MET B 322 -1.16 -18.28 -20.94
N ARG B 323 -0.36 -18.26 -21.99
CA ARG B 323 0.94 -18.93 -21.94
C ARG B 323 2.03 -18.08 -21.30
N LYS B 324 1.90 -16.75 -21.32
CA LYS B 324 2.84 -15.88 -20.62
C LYS B 324 2.08 -14.78 -19.91
N THR B 325 2.56 -14.42 -18.72
CA THR B 325 1.88 -13.39 -17.92
C THR B 325 1.92 -12.02 -18.58
N SER B 326 2.92 -11.76 -19.44
CA SER B 326 3.03 -10.46 -20.07
C SER B 326 1.89 -10.17 -21.03
N SER B 327 1.02 -11.15 -21.33
CA SER B 327 -0.24 -10.85 -22.02
C SER B 327 -1.24 -10.14 -21.13
N LEU B 328 -1.00 -10.13 -19.81
CA LEU B 328 -1.91 -9.53 -18.82
C LEU B 328 -3.28 -10.21 -18.87
N TRP B 329 -3.28 -11.50 -19.17
CA TRP B 329 -4.53 -12.25 -19.16
C TRP B 329 -5.17 -12.24 -17.79
N LYS B 330 -4.37 -12.26 -16.71
CA LYS B 330 -4.94 -12.16 -15.37
C LYS B 330 -5.60 -10.81 -15.14
N ASP B 331 -4.93 -9.72 -15.56
CA ASP B 331 -5.51 -8.39 -15.39
C ASP B 331 -6.79 -8.24 -16.21
N GLN B 332 -6.83 -8.84 -17.40
CA GLN B 332 -8.00 -8.70 -18.25
C GLN B 332 -9.20 -9.44 -17.67
N ALA B 333 -9.01 -10.70 -17.24
CA ALA B 333 -10.13 -11.42 -16.64
C ALA B 333 -10.60 -10.74 -15.36
N LEU B 334 -9.67 -10.20 -14.56
CA LEU B 334 -10.01 -9.55 -13.31
C LEU B 334 -10.98 -8.39 -13.54
N VAL B 335 -10.73 -7.57 -14.56
CA VAL B 335 -11.63 -6.46 -14.85
C VAL B 335 -13.01 -6.99 -15.22
N GLU B 336 -13.07 -8.02 -16.08
CA GLU B 336 -14.38 -8.52 -16.50
C GLU B 336 -15.16 -9.10 -15.32
N ILE B 337 -14.47 -9.79 -14.41
CA ILE B 337 -15.14 -10.30 -13.21
C ILE B 337 -15.73 -9.18 -12.39
N ASN B 338 -14.98 -8.08 -12.25
CA ASN B 338 -15.45 -6.99 -11.41
C ASN B 338 -16.57 -6.18 -12.09
N ILE B 339 -16.56 -6.12 -13.42
CA ILE B 339 -17.72 -5.56 -14.13
C ILE B 339 -18.95 -6.40 -13.86
N ALA B 340 -18.81 -7.72 -13.88
CA ALA B 340 -19.94 -8.62 -13.66
C ALA B 340 -20.51 -8.46 -12.26
N VAL B 341 -19.65 -8.34 -11.24
CA VAL B 341 -20.14 -8.17 -9.87
C VAL B 341 -21.00 -6.91 -9.77
N LEU B 342 -20.48 -5.80 -10.30
CA LEU B 342 -21.22 -4.54 -10.17
C LEU B 342 -22.50 -4.59 -10.99
N TYR B 343 -22.44 -5.17 -12.19
CA TYR B 343 -23.61 -5.25 -13.05
C TYR B 343 -24.72 -6.07 -12.40
N SER B 344 -24.37 -7.19 -11.79
CA SER B 344 -25.39 -8.07 -11.21
C SER B 344 -26.07 -7.41 -10.03
N PHE B 345 -25.29 -6.77 -9.15
CA PHE B 345 -25.87 -6.12 -7.97
C PHE B 345 -26.80 -4.98 -8.37
N GLN B 346 -26.34 -4.12 -9.28
CA GLN B 346 -27.19 -3.02 -9.75
C GLN B 346 -28.45 -3.55 -10.42
N SER B 347 -28.32 -4.64 -11.18
CA SER B 347 -29.47 -5.18 -11.90
C SER B 347 -30.52 -5.73 -10.93
N ASP B 348 -30.07 -6.33 -9.83
CA ASP B 348 -30.99 -6.81 -8.80
C ASP B 348 -31.32 -5.75 -7.77
N LYS B 349 -30.86 -4.51 -7.98
CA LYS B 349 -31.16 -3.39 -7.08
C LYS B 349 -30.74 -3.71 -5.64
N VAL B 350 -29.51 -4.20 -5.51
CA VAL B 350 -28.85 -4.41 -4.23
C VAL B 350 -27.73 -3.39 -4.14
N THR B 351 -27.66 -2.68 -3.00
CA THR B 351 -26.71 -1.60 -2.88
C THR B 351 -25.28 -2.12 -3.02
N ILE B 352 -24.49 -1.42 -3.83
CA ILE B 352 -23.06 -1.71 -3.96
C ILE B 352 -22.42 -0.45 -4.48
N VAL B 353 -21.11 -0.32 -4.27
CA VAL B 353 -20.38 0.86 -4.69
C VAL B 353 -19.09 0.41 -5.38
N ASP B 354 -18.81 0.98 -6.55
CA ASP B 354 -17.56 0.67 -7.22
C ASP B 354 -16.40 1.39 -6.51
N HIS B 355 -15.19 0.95 -6.82
CA HIS B 355 -14.02 1.47 -6.10
C HIS B 355 -13.68 2.90 -6.51
N HIS B 356 -14.08 3.33 -7.71
CA HIS B 356 -13.87 4.72 -8.08
C HIS B 356 -14.74 5.64 -7.24
N SER B 357 -16.05 5.35 -7.18
CA SER B 357 -16.96 6.17 -6.40
CA SER B 357 -16.96 6.18 -6.40
C SER B 357 -16.58 6.18 -4.92
N ALA B 358 -16.22 5.01 -4.38
CA ALA B 358 -15.94 4.87 -2.96
C ALA B 358 -14.69 5.64 -2.54
N THR B 359 -13.64 5.61 -3.37
CA THR B 359 -12.42 6.31 -2.98
C THR B 359 -12.57 7.81 -3.13
N GLU B 360 -13.34 8.26 -4.13
CA GLU B 360 -13.60 9.68 -4.29
C GLU B 360 -14.40 10.23 -3.11
N SER B 361 -15.42 9.47 -2.67
CA SER B 361 -16.14 9.87 -1.46
C SER B 361 -15.21 9.92 -0.25
N PHE B 362 -14.34 8.93 -0.12
CA PHE B 362 -13.43 8.93 1.01
C PHE B 362 -12.55 10.18 1.05
N ILE B 363 -12.01 10.60 -0.10
CA ILE B 363 -11.18 11.81 -0.12
C ILE B 363 -11.98 13.01 0.37
N LYS B 364 -13.23 13.15 -0.10
CA LYS B 364 -14.05 14.24 0.37
C LYS B 364 -14.30 14.12 1.87
N HIS B 365 -14.66 12.91 2.33
CA HIS B 365 -14.76 12.65 3.75
C HIS B 365 -13.51 13.11 4.49
N MET B 366 -12.34 12.65 4.01
CA MET B 366 -11.10 12.91 4.73
C MET B 366 -10.81 14.40 4.82
N GLU B 367 -10.99 15.13 3.70
CA GLU B 367 -10.78 16.57 3.72
C GLU B 367 -11.74 17.23 4.71
N ASN B 368 -13.00 16.83 4.70
CA ASN B 368 -13.97 17.37 5.66
C ASN B 368 -13.52 17.09 7.10
N GLU B 369 -13.04 15.88 7.37
CA GLU B 369 -12.61 15.52 8.72
C GLU B 369 -11.41 16.35 9.17
N TYR B 370 -10.49 16.64 8.27
CA TYR B 370 -9.38 17.54 8.60
C TYR B 370 -9.87 18.93 8.94
N ARG B 371 -10.88 19.41 8.19
CA ARG B 371 -11.46 20.73 8.46
C ARG B 371 -12.15 20.77 9.82
N CYS B 372 -13.13 19.89 10.03
CA CYS B 372 -13.98 19.99 11.20
C CYS B 372 -13.43 19.27 12.42
N ARG B 373 -12.56 18.28 12.24
CA ARG B 373 -12.05 17.49 13.35
C ARG B 373 -10.55 17.59 13.56
N GLY B 374 -9.80 18.12 12.60
CA GLY B 374 -8.37 18.23 12.74
C GLY B 374 -7.59 17.01 12.28
N GLY B 375 -8.25 16.06 11.66
CA GLY B 375 -7.57 14.87 11.17
C GLY B 375 -8.54 13.76 10.84
N CYS B 376 -8.00 12.73 10.23
CA CYS B 376 -8.70 11.52 9.84
C CYS B 376 -7.69 10.40 9.73
N PRO B 377 -7.56 9.56 10.76
CA PRO B 377 -6.59 8.46 10.68
C PRO B 377 -6.98 7.49 9.57
N ALA B 378 -5.99 7.13 8.76
CA ALA B 378 -6.28 6.31 7.59
C ALA B 378 -5.08 5.42 7.30
N ASP B 379 -5.36 4.17 6.98
CA ASP B 379 -4.34 3.16 6.69
C ASP B 379 -4.27 2.99 5.16
N TRP B 380 -3.27 3.65 4.55
CA TRP B 380 -3.15 3.62 3.09
C TRP B 380 -3.16 2.20 2.54
N VAL B 381 -2.48 1.28 3.24
CA VAL B 381 -2.34 -0.09 2.77
C VAL B 381 -3.70 -0.75 2.57
N TRP B 382 -4.67 -0.44 3.44
CA TRP B 382 -6.01 -1.00 3.33
C TRP B 382 -6.96 -0.14 2.52
N ILE B 383 -6.78 1.18 2.54
CA ILE B 383 -7.70 2.08 1.85
C ILE B 383 -7.58 1.97 0.33
N VAL B 384 -6.37 1.81 -0.18
CA VAL B 384 -6.20 1.76 -1.64
C VAL B 384 -6.77 0.45 -2.17
N PRO B 385 -7.62 0.49 -3.21
CA PRO B 385 -8.30 -0.73 -3.65
C PRO B 385 -7.32 -1.74 -4.21
N PRO B 386 -7.68 -3.03 -4.20
CA PRO B 386 -6.74 -4.08 -4.62
C PRO B 386 -6.64 -4.27 -6.13
N MET B 387 -7.33 -3.46 -6.93
CA MET B 387 -7.05 -3.37 -8.35
C MET B 387 -7.02 -1.88 -8.72
N SER B 388 -6.30 -1.57 -9.81
CA SER B 388 -6.34 -0.24 -10.41
C SER B 388 -5.97 0.85 -9.43
N GLY B 389 -5.07 0.54 -8.49
CA GLY B 389 -4.71 1.45 -7.41
C GLY B 389 -4.50 2.92 -7.77
N SER B 390 -3.58 3.21 -8.68
CA SER B 390 -3.20 4.60 -8.89
C SER B 390 -4.18 5.38 -9.77
N ILE B 391 -5.18 4.73 -10.38
CA ILE B 391 -6.20 5.52 -11.06
C ILE B 391 -7.36 5.86 -10.14
N THR B 392 -7.27 5.48 -8.80
CA THR B 392 -8.15 6.05 -7.81
C THR B 392 -7.42 7.14 -7.05
N PRO B 393 -8.15 8.12 -6.50
CA PRO B 393 -7.47 9.29 -5.90
C PRO B 393 -6.78 9.00 -4.58
N VAL B 394 -7.17 7.94 -3.86
CA VAL B 394 -6.51 7.67 -2.59
C VAL B 394 -5.06 7.25 -2.80
N PHE B 395 -4.73 6.61 -3.91
CA PHE B 395 -3.34 6.21 -4.16
C PHE B 395 -2.40 7.39 -3.97
N HIS B 396 -2.79 8.56 -4.48
CA HIS B 396 -1.95 9.73 -4.51
C HIS B 396 -2.02 10.54 -3.23
N GLN B 397 -2.78 10.07 -2.25
CA GLN B 397 -3.06 10.83 -1.04
C GLN B 397 -2.19 10.31 0.10
N GLU B 398 -1.35 11.18 0.66
CA GLU B 398 -0.66 10.84 1.89
C GLU B 398 -1.65 10.73 3.03
N MET B 399 -1.40 9.77 3.94
CA MET B 399 -2.30 9.49 5.04
C MET B 399 -1.47 9.26 6.30
N LEU B 400 -2.05 9.60 7.44
CA LEU B 400 -1.43 9.34 8.73
C LEU B 400 -2.27 8.27 9.41
N ASN B 401 -1.61 7.25 9.95
CA ASN B 401 -2.34 6.19 10.63
C ASN B 401 -2.03 6.28 12.12
N TYR B 402 -3.08 6.30 12.94
CA TYR B 402 -2.95 6.30 14.38
C TYR B 402 -4.26 5.79 14.98
N ARG B 403 -4.22 5.48 16.26
CA ARG B 403 -5.31 4.76 16.92
C ARG B 403 -6.06 5.70 17.86
N LEU B 404 -7.35 5.90 17.58
CA LEU B 404 -8.25 6.65 18.42
C LEU B 404 -9.26 5.69 19.05
N THR B 405 -9.77 6.09 20.21
CA THR B 405 -10.89 5.36 20.79
C THR B 405 -12.09 6.29 20.90
N PRO B 406 -13.33 5.75 20.86
CA PRO B 406 -13.75 4.35 20.72
C PRO B 406 -13.18 3.63 19.48
N SER B 407 -13.09 2.31 19.50
CA SER B 407 -12.42 1.60 18.42
C SER B 407 -13.01 0.20 18.24
N PHE B 408 -12.82 -0.32 17.03
CA PHE B 408 -12.98 -1.74 16.73
C PHE B 408 -11.62 -2.41 16.74
N GLU B 409 -11.49 -3.49 17.51
CA GLU B 409 -10.22 -4.20 17.61
C GLU B 409 -10.38 -5.64 17.15
N TYR B 410 -9.26 -6.22 16.75
CA TYR B 410 -9.25 -7.66 16.55
C TYR B 410 -9.25 -8.36 17.89
N GLN B 411 -9.74 -9.59 17.90
CA GLN B 411 -9.66 -10.43 19.09
C GLN B 411 -9.40 -11.85 18.63
N PRO B 412 -8.85 -12.70 19.49
CA PRO B 412 -8.56 -14.08 19.08
C PRO B 412 -9.85 -14.82 18.74
N ASP B 413 -9.72 -15.83 17.90
CA ASP B 413 -10.87 -16.65 17.55
C ASP B 413 -11.34 -17.40 18.80
N PRO B 414 -12.64 -17.46 19.06
CA PRO B 414 -13.10 -17.99 20.35
C PRO B 414 -12.73 -19.43 20.58
N TRP B 415 -12.65 -20.24 19.52
CA TRP B 415 -12.29 -21.64 19.73
C TRP B 415 -10.87 -21.81 20.24
N ASN B 416 -10.01 -20.81 20.06
CA ASN B 416 -8.66 -20.89 20.60
C ASN B 416 -8.60 -20.59 22.09
N THR B 417 -9.63 -19.95 22.67
CA THR B 417 -9.61 -19.54 24.06
C THR B 417 -10.71 -20.15 24.92
N HIS B 418 -11.76 -20.68 24.31
CA HIS B 418 -12.93 -21.08 25.07
C HIS B 418 -12.66 -22.31 25.94
N VAL B 419 -13.14 -22.25 27.17
CA VAL B 419 -13.11 -23.41 28.07
C VAL B 419 -14.44 -24.13 27.92
N TRP B 420 -14.40 -25.34 27.37
CA TRP B 420 -15.64 -26.04 27.04
C TRP B 420 -16.32 -26.58 28.28
N LYS B 421 -17.63 -26.33 28.38
CA LYS B 421 -18.41 -26.84 29.49
C LYS B 421 -18.78 -28.30 29.27
N GLY B 422 -18.90 -28.73 28.02
CA GLY B 422 -19.20 -30.11 27.71
C GLY B 422 -20.67 -30.43 27.50
CHA HEM C . 12.49 2.32 -7.59
CHB HEM C . 12.22 -1.42 -10.67
CHC HEM C . 17.02 -1.23 -11.23
CHD HEM C . 17.34 1.72 -7.38
C1A HEM C . 12.01 1.39 -8.49
C2A HEM C . 10.66 1.30 -8.96
C3A HEM C . 10.56 0.27 -9.80
C4A HEM C . 11.88 -0.33 -9.91
CMA HEM C . 9.27 -0.16 -10.53
CAA HEM C . 9.54 2.26 -8.54
CBA HEM C . 9.77 3.49 -9.43
CGA HEM C . 8.66 4.47 -9.21
O1A HEM C . 7.52 4.04 -8.89
O2A HEM C . 8.89 5.71 -9.36
C1B HEM C . 13.48 -1.71 -11.11
C2B HEM C . 13.84 -2.70 -12.12
C3B HEM C . 15.17 -2.65 -12.27
C4B HEM C . 15.71 -1.64 -11.37
CMB HEM C . 12.93 -3.66 -12.91
CAB HEM C . 15.89 -3.58 -13.28
CBB HEM C . 17.23 -3.68 -13.30
C1C HEM C . 17.53 -0.43 -10.25
C2C HEM C . 18.95 -0.09 -10.09
C3C HEM C . 19.04 0.75 -9.02
C4C HEM C . 17.70 0.95 -8.48
CMC HEM C . 20.08 -0.61 -11.03
CAC HEM C . 20.31 1.37 -8.40
CBC HEM C . 21.55 0.95 -8.66
C1D HEM C . 16.05 2.17 -7.13
C2D HEM C . 15.66 3.22 -6.19
C3D HEM C . 14.33 3.37 -6.25
C4D HEM C . 13.81 2.45 -7.23
CMD HEM C . 16.60 4.02 -5.26
CAD HEM C . 13.50 4.38 -5.43
CBD HEM C . 13.29 5.58 -6.35
CGD HEM C . 12.54 6.70 -5.67
O1D HEM C . 12.50 6.71 -4.41
O2D HEM C . 12.00 7.58 -6.40
NA HEM C . 12.74 0.38 -9.11
NB HEM C . 14.65 -1.08 -10.68
NC HEM C . 16.83 0.25 -9.28
ND HEM C . 14.89 1.72 -7.75
FE HEM C . 14.80 0.04 -8.93
N1 H4B D . 4.63 3.62 -5.38
C2 H4B D . 5.55 3.75 -6.35
N2 H4B D . 6.18 2.63 -6.81
N3 H4B D . 5.84 4.97 -6.87
C4 H4B D . 5.22 6.08 -6.42
O4 H4B D . 5.47 7.21 -6.90
C4A H4B D . 4.28 5.95 -5.41
C8A H4B D . 3.99 4.69 -4.91
N5 H4B D . 3.63 7.03 -4.93
N8 H4B D . 3.07 4.53 -3.91
C6 H4B D . 3.08 6.91 -3.58
C7 H4B D . 2.26 5.63 -3.42
C9 H4B D . 2.23 8.11 -3.21
O9 H4B D . 1.20 8.29 -4.19
C10 H4B D . 1.62 7.95 -1.82
C11 H4B D . 0.97 9.26 -1.43
O10 H4B D . 2.65 7.61 -0.87
C13 K8O E . 12.79 9.33 -9.45
C14 K8O E . 12.23 10.50 -10.24
C15 K8O E . 12.02 10.11 -11.69
C16 K8O E . 11.13 8.87 -11.72
C12 K8O E . 11.91 8.10 -9.58
C10 K8O E . 10.97 6.56 -11.15
C02 K8O E . 13.36 1.37 -12.99
C03 K8O E . 14.76 1.36 -12.84
C04 K8O E . 15.38 2.45 -12.24
C05 K8O E . 14.61 3.51 -11.82
C06 K8O E . 13.24 3.48 -11.98
C07 K8O E . 16.90 2.50 -12.07
C08 K8O E . 12.52 4.48 -11.59
C09 K8O E . 11.84 5.42 -11.46
F17 K8O E . 11.06 10.84 -9.71
F18 K8O E . 13.04 11.54 -10.19
N01 K8O E . 12.63 2.42 -12.57
N02 K8O E . 12.68 0.35 -13.55
N11 K8O E . 11.82 7.79 -11.00
C ACT F . 13.59 -8.07 -13.02
O ACT F . 13.60 -8.23 -14.26
OXT ACT F . 12.92 -8.82 -12.27
CH3 ACT F . 14.39 -6.95 -12.42
ZN ZN G . 4.98 3.12 10.09
CHA HEM H . -13.07 -2.31 6.47
CHB HEM H . -16.00 -0.49 3.06
CHC HEM H . -19.35 0.20 6.49
CHD HEM H . -16.08 -0.70 9.94
C1A HEM H . -13.66 -2.01 5.27
C2A HEM H . -13.17 -2.42 3.96
C3A HEM H . -13.98 -1.93 3.04
C4A HEM H . -15.00 -1.17 3.70
CMA HEM H . -13.86 -2.11 1.50
CAA HEM H . -11.95 -3.32 3.70
CBA HEM H . -12.42 -4.74 4.02
CGA HEM H . -11.43 -5.80 3.59
O1A HEM H . -10.58 -5.54 2.71
O2A HEM H . -11.47 -6.93 4.11
C1B HEM H . -17.18 -0.15 3.69
C2B HEM H . -18.37 0.33 3.02
C3B HEM H . -19.29 0.54 3.97
C4B HEM H . -18.73 0.17 5.26
CMB HEM H . -18.55 0.59 1.51
CAB HEM H . -20.71 1.05 3.65
CBB HEM H . -21.43 1.68 4.56
C1C HEM H . -18.80 -0.01 7.74
C2C HEM H . -19.49 -0.01 9.01
C3C HEM H . -18.59 -0.28 9.97
C4C HEM H . -17.28 -0.44 9.33
CMC HEM H . -21.02 0.23 9.16
CAC HEM H . -18.76 -0.34 11.51
CBC HEM H . -19.82 0.19 12.11
C1D HEM H . -14.99 -1.24 9.29
C2D HEM H . -13.82 -1.79 9.93
C3D HEM H . -12.99 -2.23 8.99
C4D HEM H . -13.62 -1.98 7.70
CMD HEM H . -13.60 -1.86 11.47
CAD HEM H . -11.63 -2.92 9.20
CBD HEM H . -11.86 -4.41 8.98
CGD HEM H . -10.66 -5.24 9.38
O1D HEM H . -9.73 -4.68 10.01
O2D HEM H . -10.65 -6.45 9.05
NA HEM H . -14.79 -1.24 5.07
NB HEM H . -17.42 -0.25 5.05
NC HEM H . -17.48 -0.30 7.99
ND HEM H . -14.86 -1.37 7.92
FE HEM H . -16.04 -0.42 6.52
N1 H4B I . -6.24 -4.15 2.17
C2 H4B I . -7.53 -4.52 2.38
N2 H4B I . -8.55 -3.67 2.14
N3 H4B I . -7.82 -5.75 2.83
C4 H4B I . -6.86 -6.65 3.11
O4 H4B I . -7.21 -7.79 3.53
C4A H4B I . -5.53 -6.29 2.92
C8A H4B I . -5.24 -5.02 2.42
N5 H4B I . -4.53 -7.16 3.18
N8 H4B I . -3.97 -4.62 2.22
C6 H4B I . -3.20 -6.60 3.39
C7 H4B I . -2.87 -5.57 2.28
C9 H4B I . -2.11 -7.67 3.48
O9 H4B I . -2.08 -8.46 2.27
C10 H4B I . -0.75 -6.99 3.63
C11 H4B I . 0.37 -7.98 3.96
O10 H4B I . -0.85 -5.94 4.62
C13 K8O J . -14.22 -9.95 8.63
C14 K8O J . -13.41 -11.10 8.06
C15 K8O J . -13.28 -11.01 6.54
C16 K8O J . -12.83 -9.62 6.08
C12 K8O J . -13.60 -8.66 8.13
C10 K8O J . -13.36 -7.27 6.25
C02 K8O J . -17.77 -3.68 3.95
C03 K8O J . -18.60 -3.28 5.01
C04 K8O J . -18.33 -3.75 6.28
C05 K8O J . -17.26 -4.62 6.48
C06 K8O J . -16.46 -5.00 5.41
C07 K8O J . -19.20 -3.35 7.46
C08 K8O J . -15.47 -5.79 5.62
C09 K8O J . -14.55 -6.48 5.90
F17 K8O J . -12.21 -11.06 8.63
F18 K8O J . -13.99 -12.23 8.38
N01 K8O J . -16.75 -4.53 4.18
N02 K8O J . -18.00 -3.24 2.69
N11 K8O J . -13.73 -8.63 6.67
C ACT K . -19.88 4.65 0.14
O ACT K . -19.31 5.61 -0.42
OXT ACT K . -20.66 3.88 -0.47
CH3 ACT K . -19.73 4.44 1.62
#